data_2WYS
#
_entry.id   2WYS
#
_cell.length_a   173.700
_cell.length_b   173.700
_cell.length_c   135.325
_cell.angle_alpha   90.00
_cell.angle_beta   90.00
_cell.angle_gamma   120.00
#
_symmetry.space_group_name_H-M   'P 32 2 1'
#
loop_
_entity.id
_entity.type
_entity.pdbx_description
1 polymer 'ENDO-1,4-BETA-XYLANASE Y'
2 branched beta-D-xylopyranose-(1-2)-beta-D-xylopyranose
3 branched beta-D-xylopyranose-(1-4)-beta-D-xylopyranose-(1-4)-beta-D-xylopyranose
4 non-polymer beta-D-xylopyranose
5 non-polymer 'CALCIUM ION'
6 non-polymer 'PHOSPHATE ION'
7 water water
#
_entity_poly.entity_id   1
_entity_poly.type   'polypeptide(L)'
_entity_poly.pdbx_seq_one_letter_code
;(MSE)GSSHHHHHHSSGLVPRGSH(MSE)DYEVVHDTFEVNFDGWCNLGVDTYLTAVENEGNNGTRG(MSE)(MSE)VIN
RSSASDGAYSEKGFYLDGGVEYKYSVFVKHNGTGTETFKLSVSYLDSETEEENKEVIATKDVVAGEWTEISAKYKAPKTA
VNITLSITTDSTVDFIFDDVTITRKG(MSE)AEANTVYAANAVLKD(MSE)YANYFRVGSVLNSGTVNNSSIKALILREF
NSITCENE(MSE)KPDATLVQSGSTNTNIRVSLNRAASILNFCAQNNIAVRGHTLVWHSQTPQWFFKDNFQDNGNWVSQS
V(MSE)DQRLESYIKN(MSE)FAEIQRQYPSLNLYAYDVVNAAVSDDANRTRYYGGAREPGYGNGRSPWVQIYGDNKFIE
KAFTYARKYAPANCKLYYNDYNEYWDHKRDCIASICANLYNKGLLDGVG(MSE)QSHINAD(MSE)NGFSGIQNYKAALQ
KYINIGCDVQITELDISTENGKFSLQQQADKYKAVFQAAVDINRTSSKGKVTAVCVWGPNDANTWLGSQNAPLLFNANNQ
PKPAYNAVASIIPQSEWGDGNNPA
;
_entity_poly.pdbx_strand_id   A,B
#
loop_
_chem_comp.id
_chem_comp.type
_chem_comp.name
_chem_comp.formula
CA non-polymer 'CALCIUM ION' 'Ca 2'
PO4 non-polymer 'PHOSPHATE ION' 'O4 P -3'
XYP D-saccharide, beta linking beta-D-xylopyranose 'C5 H10 O5'
#
# COMPACT_ATOMS: atom_id res chain seq x y z
N MSE A 21 -2.73 18.29 -32.36
CA MSE A 21 -2.29 19.36 -33.32
CA MSE A 21 -2.33 19.37 -33.32
C MSE A 21 -2.13 20.76 -32.68
O MSE A 21 -1.07 21.37 -32.81
CB MSE A 21 -3.22 19.41 -34.56
CB MSE A 21 -3.33 19.45 -34.50
CG MSE A 21 -2.83 18.44 -35.73
CG MSE A 21 -4.80 19.17 -34.17
SE MSE A 21 -2.23 19.29 -37.42
SE MSE A 21 -5.85 18.96 -35.81
CE MSE A 21 -3.98 19.78 -38.22
CE MSE A 21 -5.20 17.20 -36.45
N ASP A 22 -3.16 21.26 -32.00
CA ASP A 22 -3.13 22.60 -31.36
C ASP A 22 -2.13 22.83 -30.19
N TYR A 23 -2.25 22.04 -29.11
CA TYR A 23 -1.61 22.33 -27.80
C TYR A 23 -0.50 21.34 -27.38
N GLU A 24 0.56 21.91 -26.83
CA GLU A 24 1.80 21.19 -26.54
C GLU A 24 1.91 20.88 -25.05
N VAL A 25 2.41 19.70 -24.68
CA VAL A 25 2.51 19.32 -23.26
C VAL A 25 3.93 18.98 -22.80
N VAL A 26 4.71 18.44 -23.72
CA VAL A 26 6.09 18.06 -23.48
C VAL A 26 6.93 18.63 -24.60
N HIS A 27 7.87 19.48 -24.22
CA HIS A 27 8.86 19.97 -25.14
C HIS A 27 10.24 19.70 -24.59
N ASP A 28 10.85 18.58 -24.96
CA ASP A 28 12.12 18.28 -24.34
C ASP A 28 13.20 18.63 -25.27
N THR A 29 13.97 19.64 -24.93
CA THR A 29 15.01 20.09 -25.85
C THR A 29 16.38 19.55 -25.48
N PHE A 30 16.59 19.25 -24.22
CA PHE A 30 17.87 18.80 -23.65
C PHE A 30 18.94 19.85 -23.45
N GLU A 31 18.56 21.11 -23.51
CA GLU A 31 19.54 22.18 -23.28
C GLU A 31 20.29 22.17 -21.91
N VAL A 32 19.60 21.85 -20.81
CA VAL A 32 20.23 21.90 -19.45
C VAL A 32 20.32 20.57 -18.69
N ASN A 33 19.18 19.87 -18.65
CA ASN A 33 18.91 18.65 -17.87
C ASN A 33 18.43 17.52 -18.78
N PHE A 34 18.49 16.27 -18.32
CA PHE A 34 18.01 15.15 -19.15
C PHE A 34 16.52 15.06 -19.30
N ASP A 35 15.78 16.07 -18.91
CA ASP A 35 14.33 16.09 -19.20
C ASP A 35 13.52 14.80 -18.83
N GLY A 36 14.02 14.03 -17.84
CA GLY A 36 13.41 12.78 -17.36
C GLY A 36 13.50 11.60 -18.31
N TRP A 37 14.70 11.42 -18.85
CA TRP A 37 14.94 10.37 -19.83
C TRP A 37 15.95 9.49 -19.15
N CYS A 38 15.73 8.17 -19.27
CA CYS A 38 16.61 7.27 -18.58
C CYS A 38 16.91 6.07 -19.47
N ASN A 39 18.06 5.45 -19.18
CA ASN A 39 18.46 4.25 -19.84
C ASN A 39 17.46 3.12 -19.67
N LEU A 40 16.77 2.74 -20.76
CA LEU A 40 16.02 1.46 -20.85
C LEU A 40 16.99 0.31 -21.06
N GLY A 41 16.95 -0.71 -20.22
CA GLY A 41 18.05 -1.68 -20.17
C GLY A 41 19.11 -1.30 -19.13
N VAL A 42 19.44 -2.23 -18.24
CA VAL A 42 20.36 -2.01 -17.08
C VAL A 42 21.77 -1.55 -17.45
N ASP A 43 22.20 -1.76 -18.69
CA ASP A 43 23.58 -1.38 -19.00
C ASP A 43 23.72 -0.34 -20.09
N THR A 44 22.61 -0.10 -20.79
CA THR A 44 22.42 1.06 -21.65
C THR A 44 22.87 2.31 -20.90
N TYR A 45 23.70 3.15 -21.53
CA TYR A 45 24.20 4.42 -20.93
C TYR A 45 23.58 5.66 -21.63
N LEU A 46 23.27 6.73 -20.89
CA LEU A 46 22.77 7.99 -21.48
C LEU A 46 23.70 9.12 -21.19
N THR A 47 23.92 9.97 -22.18
CA THR A 47 24.77 11.16 -22.00
C THR A 47 24.34 12.22 -22.96
N ALA A 48 24.20 13.43 -22.43
CA ALA A 48 23.85 14.61 -23.19
C ALA A 48 25.11 15.23 -23.73
N VAL A 49 25.08 15.54 -25.03
CA VAL A 49 26.22 16.21 -25.65
C VAL A 49 25.94 17.48 -26.44
N GLU A 50 26.81 18.45 -26.18
CA GLU A 50 26.77 19.73 -26.81
C GLU A 50 27.06 19.58 -28.30
N ASN A 51 26.20 20.22 -29.11
CA ASN A 51 26.31 20.28 -30.58
C ASN A 51 26.11 18.96 -31.31
N GLU A 52 25.69 17.89 -30.65
CA GLU A 52 25.26 16.73 -31.43
C GLU A 52 23.73 16.66 -31.47
N GLY A 53 23.10 17.77 -31.10
CA GLY A 53 21.65 17.85 -31.12
C GLY A 53 21.15 17.95 -32.52
N ASN A 54 19.83 17.99 -32.67
CA ASN A 54 19.21 18.51 -33.87
C ASN A 54 19.75 19.93 -33.93
N ASN A 55 19.88 20.46 -35.16
CA ASN A 55 20.31 21.84 -35.40
C ASN A 55 21.51 22.29 -34.58
N GLY A 56 22.49 21.39 -34.37
CA GLY A 56 23.71 21.70 -33.60
C GLY A 56 23.54 22.26 -32.19
N THR A 57 22.36 22.05 -31.58
CA THR A 57 22.06 22.35 -30.16
C THR A 57 22.42 21.11 -29.32
N ARG A 58 22.07 21.09 -28.03
CA ARG A 58 22.41 19.92 -27.17
C ARG A 58 21.55 18.66 -27.43
N GLY A 59 22.16 17.48 -27.31
CA GLY A 59 21.51 16.22 -27.69
C GLY A 59 21.80 15.01 -26.80
N MSE A 60 20.91 14.02 -26.91
CA MSE A 60 20.83 12.94 -25.94
C MSE A 60 21.29 11.66 -26.59
O MSE A 60 20.54 10.99 -27.34
CB MSE A 60 19.37 12.82 -25.38
CG MSE A 60 19.21 11.83 -24.19
SE MSE A 60 20.68 11.88 -22.89
CE MSE A 60 20.26 13.62 -22.12
N MSE A 61 22.51 11.32 -26.29
CA MSE A 61 23.13 10.19 -26.92
C MSE A 61 23.02 8.86 -26.12
O MSE A 61 23.48 8.77 -24.99
CB MSE A 61 24.57 10.56 -27.16
CG MSE A 61 25.29 9.77 -28.21
SE MSE A 61 27.13 10.42 -28.04
CE MSE A 61 27.81 8.77 -28.88
N VAL A 62 22.39 7.86 -26.73
CA VAL A 62 22.16 6.55 -26.15
C VAL A 62 23.24 5.51 -26.56
N ILE A 63 24.19 5.20 -25.71
CA ILE A 63 25.25 4.26 -26.09
C ILE A 63 25.10 2.79 -25.53
N ASN A 64 26.23 2.07 -25.42
CA ASN A 64 26.35 0.70 -24.91
C ASN A 64 25.13 -0.23 -24.86
N ARG A 65 24.25 -0.23 -25.87
CA ARG A 65 23.11 -1.25 -25.93
C ARG A 65 23.52 -2.77 -26.09
N SER A 66 22.51 -3.64 -26.23
CA SER A 66 22.71 -5.07 -25.99
C SER A 66 21.66 -5.88 -26.62
N SER A 67 20.59 -5.22 -27.09
CA SER A 67 19.43 -5.86 -27.70
C SER A 67 18.53 -4.81 -28.26
N ALA A 68 17.70 -5.22 -29.21
CA ALA A 68 16.75 -4.28 -29.84
C ALA A 68 15.74 -3.66 -28.85
N SER A 69 15.65 -4.29 -27.67
CA SER A 69 14.76 -3.88 -26.55
C SER A 69 15.43 -2.79 -25.66
N ASP A 70 16.74 -2.97 -25.35
CA ASP A 70 17.62 -1.90 -24.85
C ASP A 70 17.39 -0.56 -25.62
N GLY A 71 17.55 0.58 -24.95
CA GLY A 71 17.06 1.86 -25.52
C GLY A 71 17.06 3.04 -24.55
N ALA A 72 16.00 3.86 -24.59
CA ALA A 72 15.81 4.92 -23.61
C ALA A 72 14.33 5.28 -23.46
N TYR A 73 13.94 5.64 -22.22
CA TYR A 73 12.54 5.88 -21.89
C TYR A 73 12.34 7.09 -21.00
N SER A 74 11.10 7.61 -21.02
CA SER A 74 10.69 8.65 -20.11
C SER A 74 9.21 8.54 -19.69
N GLU A 75 8.98 8.39 -18.38
CA GLU A 75 7.63 8.32 -17.84
C GLU A 75 6.99 9.72 -17.77
N LYS A 76 5.89 9.91 -18.46
CA LYS A 76 5.37 11.24 -18.61
C LYS A 76 3.97 11.32 -18.06
N GLY A 77 3.77 10.60 -16.94
CA GLY A 77 2.46 10.49 -16.29
C GLY A 77 1.87 11.85 -16.01
N PHE A 78 2.73 12.80 -15.71
CA PHE A 78 2.31 14.15 -15.38
C PHE A 78 1.50 14.87 -16.46
N TYR A 79 1.74 14.53 -17.73
CA TYR A 79 1.20 15.31 -18.85
C TYR A 79 0.26 14.50 -19.73
N LEU A 80 0.44 13.19 -19.75
CA LEU A 80 -0.39 12.33 -20.57
C LEU A 80 -1.49 11.56 -19.80
N ASP A 81 -2.75 11.96 -20.03
CA ASP A 81 -3.96 11.26 -19.56
C ASP A 81 -4.35 10.02 -20.41
N GLY A 82 -5.01 9.06 -19.75
CA GLY A 82 -5.72 7.98 -20.46
C GLY A 82 -6.81 8.59 -21.33
N GLY A 83 -7.13 7.88 -22.41
CA GLY A 83 -8.22 8.22 -23.33
C GLY A 83 -8.17 9.57 -24.07
N VAL A 84 -7.01 10.25 -24.04
CA VAL A 84 -6.76 11.43 -24.89
C VAL A 84 -5.73 11.06 -25.99
N GLU A 85 -5.83 11.76 -27.13
CA GLU A 85 -4.96 11.49 -28.30
C GLU A 85 -3.80 12.50 -28.50
N TYR A 86 -2.59 11.96 -28.61
CA TYR A 86 -1.40 12.79 -28.57
C TYR A 86 -0.57 12.68 -29.85
N LYS A 87 -0.03 13.82 -30.30
CA LYS A 87 0.93 13.87 -31.41
C LYS A 87 2.28 13.56 -30.79
N TYR A 88 2.84 12.38 -31.09
CA TYR A 88 4.17 12.07 -30.57
C TYR A 88 5.19 12.35 -31.64
N SER A 89 6.36 12.85 -31.25
CA SER A 89 7.29 13.42 -32.21
C SER A 89 8.72 13.52 -31.68
N VAL A 90 9.66 12.87 -32.36
CA VAL A 90 11.06 12.86 -31.89
C VAL A 90 11.99 12.99 -33.08
N PHE A 91 13.03 13.82 -32.94
CA PHE A 91 14.05 13.85 -33.95
C PHE A 91 15.13 12.91 -33.53
N VAL A 92 15.53 12.04 -34.43
CA VAL A 92 16.53 11.03 -34.15
C VAL A 92 17.68 11.11 -35.14
N LYS A 93 18.64 10.20 -35.09
CA LYS A 93 19.87 10.40 -35.85
C LYS A 93 20.82 9.29 -35.54
N HIS A 94 21.42 8.66 -36.55
CA HIS A 94 22.45 7.69 -36.23
C HIS A 94 23.74 7.80 -37.00
N ASN A 95 24.56 6.77 -36.89
CA ASN A 95 25.92 6.93 -37.28
C ASN A 95 26.54 5.62 -37.61
N GLY A 96 25.70 4.72 -38.10
CA GLY A 96 26.10 3.42 -38.65
C GLY A 96 26.13 3.37 -40.18
N THR A 97 26.31 2.18 -40.74
CA THR A 97 26.29 2.03 -42.19
C THR A 97 24.87 1.68 -42.58
N GLY A 98 24.44 2.19 -43.71
CA GLY A 98 23.10 1.87 -44.17
C GLY A 98 21.98 2.35 -43.28
N THR A 99 20.78 1.90 -43.61
CA THR A 99 19.57 2.36 -42.92
C THR A 99 19.18 1.51 -41.67
N GLU A 100 18.39 2.16 -40.78
CA GLU A 100 18.07 1.67 -39.45
C GLU A 100 16.59 1.73 -39.18
N THR A 101 16.12 0.75 -38.42
CA THR A 101 14.71 0.69 -38.10
C THR A 101 14.41 1.25 -36.67
N PHE A 102 13.94 2.49 -36.64
CA PHE A 102 13.64 3.19 -35.41
C PHE A 102 12.18 3.00 -35.00
N LYS A 103 11.98 2.63 -33.72
CA LYS A 103 10.63 2.47 -33.14
C LYS A 103 10.33 3.40 -31.97
N LEU A 104 9.09 3.84 -31.96
CA LEU A 104 8.52 4.66 -30.93
C LEU A 104 7.44 3.80 -30.25
N SER A 105 7.71 3.36 -29.01
CA SER A 105 6.69 2.59 -28.23
C SER A 105 6.18 3.32 -26.96
N VAL A 106 4.87 3.50 -26.89
CA VAL A 106 4.16 3.92 -25.68
C VAL A 106 3.67 2.73 -24.82
N SER A 107 4.17 2.57 -23.58
CA SER A 107 3.56 1.60 -22.65
C SER A 107 2.82 2.26 -21.50
N TYR A 108 2.08 1.43 -20.75
CA TYR A 108 1.38 1.83 -19.50
C TYR A 108 1.06 0.64 -18.56
N LEU A 109 0.53 1.01 -17.41
CA LEU A 109 -0.05 0.08 -16.45
C LEU A 109 -1.49 0.58 -16.30
N ASP A 110 -2.46 -0.36 -16.32
CA ASP A 110 -3.89 -0.02 -16.19
C ASP A 110 -4.46 -0.34 -14.82
N SER A 111 -5.15 0.66 -14.27
CA SER A 111 -5.69 0.61 -12.91
C SER A 111 -6.61 -0.61 -12.64
N GLU A 112 -6.97 -1.34 -13.71
CA GLU A 112 -7.76 -2.56 -13.65
C GLU A 112 -6.91 -3.68 -14.18
N THR A 113 -6.73 -3.72 -15.50
CA THR A 113 -5.81 -4.67 -16.15
C THR A 113 -4.61 -5.02 -15.22
N GLU A 114 -3.86 -4.00 -14.79
CA GLU A 114 -2.72 -4.14 -13.84
C GLU A 114 -1.47 -4.92 -14.34
N GLU A 115 -1.32 -4.97 -15.67
CA GLU A 115 -0.08 -5.43 -16.31
C GLU A 115 0.45 -4.43 -17.37
N GLU A 116 1.77 -4.41 -17.55
CA GLU A 116 2.41 -3.46 -18.47
C GLU A 116 2.12 -3.77 -19.94
N ASN A 117 0.98 -3.19 -20.35
CA ASN A 117 0.36 -3.23 -21.65
C ASN A 117 1.11 -2.34 -22.68
N LYS A 118 2.01 -2.95 -23.47
CA LYS A 118 2.84 -2.20 -24.44
C LYS A 118 2.22 -2.05 -25.87
N GLU A 119 2.93 -1.39 -26.78
CA GLU A 119 2.44 -1.07 -28.14
C GLU A 119 3.50 -0.32 -28.97
N VAL A 120 3.94 -0.90 -30.08
CA VAL A 120 4.81 -0.15 -31.00
C VAL A 120 3.91 0.79 -31.84
N ILE A 121 4.19 2.10 -31.89
CA ILE A 121 3.24 3.05 -32.54
C ILE A 121 3.72 3.85 -33.73
N ALA A 122 4.98 3.66 -34.09
CA ALA A 122 5.50 4.27 -35.29
C ALA A 122 6.81 3.57 -35.64
N THR A 123 6.90 3.14 -36.89
CA THR A 123 8.18 2.66 -37.41
C THR A 123 8.65 3.67 -38.49
N LYS A 124 9.97 3.77 -38.69
CA LYS A 124 10.55 4.71 -39.64
C LYS A 124 11.98 4.34 -39.94
N ASP A 125 12.22 3.81 -41.15
CA ASP A 125 13.59 3.51 -41.63
C ASP A 125 14.34 4.84 -41.70
N VAL A 126 15.57 4.86 -41.20
CA VAL A 126 16.24 6.12 -41.08
C VAL A 126 17.68 5.86 -41.37
N VAL A 127 18.24 6.74 -42.22
CA VAL A 127 19.56 6.59 -42.84
C VAL A 127 20.69 7.15 -41.97
N ALA A 128 21.92 6.72 -42.21
CA ALA A 128 23.04 7.25 -41.44
C ALA A 128 23.07 8.76 -41.59
N GLY A 129 23.94 9.41 -40.81
CA GLY A 129 24.20 10.85 -40.93
C GLY A 129 23.07 11.88 -40.85
N GLU A 130 21.81 11.49 -40.70
CA GLU A 130 20.76 12.52 -40.83
C GLU A 130 19.62 12.66 -39.81
N TRP A 131 19.47 13.89 -39.31
CA TRP A 131 18.38 14.30 -38.43
C TRP A 131 17.01 14.18 -39.09
N THR A 132 16.58 12.93 -39.21
CA THR A 132 15.23 12.50 -39.54
C THR A 132 14.24 12.65 -38.36
N GLU A 133 13.00 13.05 -38.63
CA GLU A 133 11.97 13.00 -37.59
C GLU A 133 11.11 11.73 -37.64
N ILE A 134 10.40 11.44 -36.53
CA ILE A 134 9.46 10.30 -36.43
C ILE A 134 8.25 10.68 -35.60
N SER A 135 7.08 10.30 -36.06
CA SER A 135 5.85 10.60 -35.33
C SER A 135 4.67 9.60 -35.50
N ALA A 136 3.51 9.97 -34.92
CA ALA A 136 2.25 9.18 -34.88
C ALA A 136 1.24 9.79 -33.88
N LYS A 137 -0.05 9.63 -34.19
CA LYS A 137 -1.13 10.00 -33.28
C LYS A 137 -1.50 8.72 -32.50
N TYR A 138 -1.72 8.87 -31.19
CA TYR A 138 -2.08 7.76 -30.27
C TYR A 138 -2.97 8.18 -29.09
N LYS A 139 -3.96 7.33 -28.81
CA LYS A 139 -4.89 7.49 -27.69
C LYS A 139 -4.76 6.27 -26.78
N ALA A 140 -4.55 6.51 -25.49
CA ALA A 140 -4.45 5.45 -24.48
C ALA A 140 -5.85 5.12 -23.92
N PRO A 141 -6.12 3.84 -23.57
CA PRO A 141 -7.43 3.42 -23.05
C PRO A 141 -7.91 4.34 -21.92
N LYS A 142 -9.23 4.65 -21.92
CA LYS A 142 -9.89 5.68 -21.05
C LYS A 142 -9.36 5.72 -19.60
N THR A 143 -8.71 4.64 -19.21
CA THR A 143 -8.46 4.27 -17.84
C THR A 143 -6.98 4.31 -17.52
N ALA A 144 -6.16 4.32 -18.55
CA ALA A 144 -4.75 3.99 -18.38
C ALA A 144 -3.95 5.07 -17.67
N VAL A 145 -2.76 4.72 -17.24
CA VAL A 145 -1.97 5.70 -16.55
C VAL A 145 -0.56 5.25 -16.33
N ASN A 146 0.27 6.19 -15.92
CA ASN A 146 1.67 5.93 -15.71
C ASN A 146 2.27 5.63 -17.05
N ILE A 147 1.94 6.48 -18.01
CA ILE A 147 2.30 6.27 -19.39
C ILE A 147 3.79 6.20 -19.49
N THR A 148 4.37 6.42 -20.65
CA THR A 148 5.78 6.21 -20.81
C THR A 148 6.13 6.06 -22.26
N LEU A 149 7.05 6.89 -22.73
CA LEU A 149 7.49 6.85 -24.11
C LEU A 149 8.90 6.37 -24.18
N SER A 150 9.19 5.55 -25.17
CA SER A 150 10.52 4.91 -25.34
C SER A 150 10.96 4.74 -26.81
N ILE A 151 12.26 4.84 -27.01
CA ILE A 151 12.83 4.88 -28.34
C ILE A 151 13.72 3.66 -28.51
N THR A 152 13.50 2.90 -29.58
CA THR A 152 14.44 1.82 -29.94
C THR A 152 14.73 1.69 -31.43
N THR A 153 15.88 1.07 -31.73
CA THR A 153 16.11 0.54 -33.08
C THR A 153 15.95 -0.98 -33.11
N ASP A 154 15.74 -1.50 -34.32
CA ASP A 154 15.83 -2.93 -34.55
C ASP A 154 17.25 -3.46 -34.58
N SER A 155 18.23 -2.62 -34.27
CA SER A 155 19.53 -3.17 -33.99
C SER A 155 19.98 -2.75 -32.58
N THR A 156 21.28 -2.90 -32.36
CA THR A 156 21.90 -2.57 -31.09
C THR A 156 22.83 -1.34 -31.27
N VAL A 157 22.44 -0.47 -32.19
CA VAL A 157 23.28 0.68 -32.61
C VAL A 157 23.21 1.93 -31.66
N ASP A 158 24.33 2.64 -31.44
CA ASP A 158 24.26 3.94 -30.73
C ASP A 158 23.29 4.82 -31.47
N PHE A 159 22.60 5.72 -30.78
CA PHE A 159 21.82 6.72 -31.50
C PHE A 159 21.71 8.05 -30.75
N ILE A 160 20.94 8.98 -31.29
CA ILE A 160 20.81 10.30 -30.69
C ILE A 160 19.41 10.82 -30.95
N PHE A 161 18.86 11.55 -29.97
CA PHE A 161 17.56 12.13 -30.21
C PHE A 161 17.60 13.50 -29.61
N ASP A 162 16.58 14.27 -29.94
CA ASP A 162 16.45 15.61 -29.45
C ASP A 162 15.07 16.00 -29.79
N ASP A 163 14.67 17.17 -29.34
CA ASP A 163 13.34 17.69 -29.64
C ASP A 163 12.22 16.67 -29.55
N VAL A 164 12.02 16.12 -28.35
CA VAL A 164 10.87 15.29 -28.08
C VAL A 164 9.69 16.22 -27.90
N THR A 165 8.66 16.03 -28.70
CA THR A 165 7.54 16.96 -28.70
C THR A 165 6.25 16.18 -28.72
N ILE A 166 5.40 16.39 -27.70
CA ILE A 166 4.10 15.70 -27.62
C ILE A 166 3.04 16.74 -27.51
N THR A 167 2.04 16.61 -28.38
CA THR A 167 0.98 17.59 -28.41
C THR A 167 -0.41 16.94 -28.49
N ARG A 168 -1.42 17.68 -28.06
CA ARG A 168 -2.79 17.23 -28.17
C ARG A 168 -3.62 18.28 -28.88
N LYS A 169 -4.67 17.81 -29.56
CA LYS A 169 -5.72 18.64 -30.17
C LYS A 169 -6.48 19.47 -29.10
N GLY A 170 -6.70 20.76 -29.38
CA GLY A 170 -7.44 21.63 -28.45
C GLY A 170 -6.54 22.25 -27.40
N TYR A 178 4.76 42.71 -7.91
CA TYR A 178 4.35 41.30 -7.90
C TYR A 178 3.01 41.02 -7.15
N ALA A 179 2.09 40.30 -7.81
CA ALA A 179 0.82 39.81 -7.21
C ALA A 179 1.06 38.54 -6.34
N ALA A 180 1.33 38.76 -5.03
CA ALA A 180 1.62 37.69 -4.03
C ALA A 180 0.31 37.02 -3.65
N ASN A 181 0.17 35.70 -3.84
CA ASN A 181 -1.16 35.06 -3.71
C ASN A 181 -1.55 34.35 -2.37
N ALA A 182 -2.82 33.92 -2.33
CA ALA A 182 -3.43 33.15 -1.23
C ALA A 182 -2.90 31.69 -1.16
N VAL A 183 -1.57 31.56 -1.21
CA VAL A 183 -0.92 30.26 -1.20
C VAL A 183 0.24 30.22 -0.23
N LEU A 184 0.43 29.03 0.31
CA LEU A 184 1.38 28.77 1.35
C LEU A 184 2.80 29.24 1.08
N LYS A 185 3.26 29.01 -0.15
CA LYS A 185 4.63 29.39 -0.52
C LYS A 185 4.80 30.91 -0.57
N ASP A 186 3.80 31.59 -1.14
CA ASP A 186 3.80 33.04 -1.13
C ASP A 186 3.66 33.46 0.33
N MSE A 187 2.56 33.12 1.01
CA MSE A 187 2.44 33.34 2.48
C MSE A 187 3.74 33.15 3.28
O MSE A 187 4.04 33.96 4.11
CB MSE A 187 1.34 32.49 3.14
CG MSE A 187 -0.01 33.16 3.18
SE MSE A 187 -1.56 31.95 2.94
CE MSE A 187 -2.51 32.84 1.52
N TYR A 188 4.51 32.12 3.02
CA TYR A 188 5.62 31.84 3.95
C TYR A 188 6.99 32.23 3.42
N ALA A 189 6.91 32.94 2.28
CA ALA A 189 8.08 33.33 1.47
C ALA A 189 9.17 34.04 2.27
N ASN A 190 8.72 34.78 3.29
CA ASN A 190 9.69 35.53 4.08
C ASN A 190 10.19 34.79 5.27
N TYR A 191 9.76 33.52 5.35
CA TYR A 191 10.06 32.64 6.51
C TYR A 191 10.86 31.36 6.25
N PHE A 192 10.30 30.55 5.36
CA PHE A 192 10.88 29.27 5.02
C PHE A 192 10.13 28.72 3.82
N ARG A 193 10.72 27.66 3.25
CA ARG A 193 10.12 26.96 2.16
C ARG A 193 8.98 26.13 2.77
N VAL A 194 7.92 25.93 2.01
CA VAL A 194 6.85 25.06 2.47
C VAL A 194 6.65 23.88 1.52
N GLY A 195 6.94 22.68 2.01
CA GLY A 195 7.11 21.56 1.11
C GLY A 195 6.12 20.43 1.25
N SER A 196 6.27 19.45 0.36
CA SER A 196 5.47 18.30 0.43
C SER A 196 6.29 17.20 -0.16
N VAL A 197 5.56 16.20 -0.65
CA VAL A 197 6.13 14.91 -1.04
C VAL A 197 5.41 14.43 -2.30
N LEU A 198 6.21 13.95 -3.25
CA LEU A 198 5.75 13.25 -4.44
C LEU A 198 6.33 11.84 -4.41
N ASN A 199 5.60 10.93 -5.03
CA ASN A 199 6.11 9.59 -5.32
C ASN A 199 5.58 9.09 -6.67
N SER A 200 6.05 7.88 -7.02
CA SER A 200 5.86 7.40 -8.37
C SER A 200 4.40 7.11 -8.74
N GLY A 201 3.55 6.90 -7.73
CA GLY A 201 2.08 6.94 -7.92
C GLY A 201 1.55 8.35 -8.15
N THR A 202 1.76 9.25 -7.19
CA THR A 202 1.22 10.60 -7.23
C THR A 202 1.69 11.46 -8.41
N VAL A 203 2.94 11.25 -8.80
CA VAL A 203 3.52 11.83 -10.02
C VAL A 203 2.65 11.56 -11.31
N ASN A 204 1.54 10.82 -11.23
CA ASN A 204 0.63 10.61 -12.39
C ASN A 204 -0.73 11.24 -12.21
N ASN A 205 -0.87 12.10 -11.20
CA ASN A 205 -2.17 12.69 -10.87
C ASN A 205 -2.31 14.18 -11.23
N SER A 206 -3.11 14.45 -12.27
CA SER A 206 -3.45 15.81 -12.73
C SER A 206 -3.58 16.83 -11.59
N SER A 207 -4.56 16.60 -10.71
CA SER A 207 -4.96 17.60 -9.71
C SER A 207 -3.92 17.74 -8.61
N ILE A 208 -3.12 16.68 -8.41
CA ILE A 208 -2.00 16.77 -7.49
C ILE A 208 -0.92 17.67 -8.06
N LYS A 209 -0.59 17.48 -9.34
CA LYS A 209 0.33 18.40 -10.02
C LYS A 209 -0.14 19.85 -9.85
N ALA A 210 -1.41 20.09 -10.14
CA ALA A 210 -1.98 21.42 -9.98
C ALA A 210 -1.78 21.98 -8.56
N LEU A 211 -1.95 21.09 -7.56
CA LEU A 211 -1.81 21.45 -6.15
C LEU A 211 -0.42 21.86 -5.77
N ILE A 212 0.59 21.05 -6.12
CA ILE A 212 1.97 21.33 -5.75
C ILE A 212 2.40 22.64 -6.37
N LEU A 213 2.13 22.74 -7.66
CA LEU A 213 2.46 23.96 -8.40
C LEU A 213 1.89 25.17 -7.71
N ARG A 214 0.59 25.09 -7.40
CA ARG A 214 -0.10 26.17 -6.73
C ARG A 214 0.46 26.53 -5.34
N GLU A 215 0.82 25.53 -4.51
CA GLU A 215 1.10 25.74 -3.03
C GLU A 215 2.50 25.55 -2.52
N PHE A 216 3.24 24.53 -3.02
CA PHE A 216 4.53 24.12 -2.39
C PHE A 216 5.78 24.55 -3.12
N ASN A 217 6.77 25.04 -2.39
CA ASN A 217 8.04 25.29 -3.06
C ASN A 217 9.16 24.37 -2.63
N SER A 218 8.81 23.22 -2.09
CA SER A 218 9.79 22.20 -1.76
C SER A 218 9.18 20.83 -2.01
N ILE A 219 10.01 19.85 -2.40
CA ILE A 219 9.50 18.49 -2.53
C ILE A 219 10.52 17.52 -2.04
N THR A 220 10.06 16.51 -1.28
CA THR A 220 10.89 15.32 -1.00
C THR A 220 10.34 14.11 -1.77
N CYS A 221 11.22 13.21 -2.14
CA CYS A 221 10.81 11.98 -2.77
C CYS A 221 10.45 10.99 -1.68
N GLU A 222 9.22 10.48 -1.65
CA GLU A 222 8.81 9.55 -0.57
C GLU A 222 9.74 8.34 -0.41
N ASN A 223 10.16 7.79 -1.54
CA ASN A 223 10.86 6.50 -1.57
C ASN A 223 11.99 6.45 -2.55
N GLU A 224 11.81 7.29 -3.59
CA GLU A 224 12.54 7.24 -4.86
C GLU A 224 13.99 7.63 -4.88
N MSE A 225 14.51 8.11 -3.75
CA MSE A 225 15.89 8.47 -3.60
C MSE A 225 16.47 7.81 -2.39
O MSE A 225 17.59 8.16 -1.93
CB MSE A 225 16.01 9.97 -3.52
CG MSE A 225 15.82 10.63 -4.89
SE MSE A 225 16.07 12.59 -4.86
CE MSE A 225 18.02 12.70 -4.26
N LYS A 226 15.73 6.82 -1.88
CA LYS A 226 16.26 5.98 -0.81
C LYS A 226 17.31 4.99 -1.36
N PRO A 227 18.24 4.49 -0.51
CA PRO A 227 19.22 3.56 -1.10
C PRO A 227 18.60 2.45 -1.94
N ASP A 228 17.58 1.75 -1.49
CA ASP A 228 17.16 0.58 -2.29
C ASP A 228 16.52 0.97 -3.64
N ALA A 229 16.18 2.25 -3.82
CA ALA A 229 15.62 2.72 -5.09
C ALA A 229 16.70 3.29 -6.00
N THR A 230 17.89 3.52 -5.44
CA THR A 230 18.94 4.06 -6.23
C THR A 230 20.18 3.21 -6.38
N LEU A 231 20.41 2.19 -5.58
CA LEU A 231 21.61 1.38 -5.80
C LEU A 231 21.36 0.41 -6.95
N VAL A 232 22.46 0.00 -7.59
CA VAL A 232 22.36 -0.91 -8.74
C VAL A 232 23.30 -2.04 -8.43
N GLN A 233 22.74 -3.25 -8.30
CA GLN A 233 23.51 -4.48 -7.90
C GLN A 233 24.60 -4.83 -8.92
N SER A 234 24.11 -4.96 -10.16
CA SER A 234 24.81 -5.46 -11.33
C SER A 234 26.09 -4.72 -11.69
N GLY A 235 27.21 -5.40 -11.53
CA GLY A 235 28.50 -4.73 -11.75
C GLY A 235 28.82 -3.53 -10.88
N SER A 236 28.31 -3.50 -9.65
CA SER A 236 28.77 -2.49 -8.66
C SER A 236 30.10 -3.03 -8.16
N THR A 237 30.92 -2.20 -7.51
CA THR A 237 32.20 -2.69 -6.93
C THR A 237 32.60 -1.87 -5.73
N ASN A 238 33.38 -2.44 -4.82
CA ASN A 238 33.84 -1.66 -3.65
C ASN A 238 34.19 -0.18 -3.86
N THR A 239 34.66 0.23 -5.06
CA THR A 239 35.10 1.65 -5.27
C THR A 239 34.37 2.32 -6.40
N ASN A 240 33.51 1.59 -7.06
CA ASN A 240 32.53 2.24 -7.89
C ASN A 240 31.15 1.62 -7.60
N ILE A 241 30.33 2.36 -6.86
CA ILE A 241 29.03 1.82 -6.54
C ILE A 241 28.05 2.32 -7.57
N ARG A 242 27.47 1.42 -8.34
CA ARG A 242 26.61 1.93 -9.40
C ARG A 242 25.30 2.48 -8.85
N VAL A 243 24.87 3.64 -9.32
CA VAL A 243 23.66 4.32 -8.79
C VAL A 243 22.74 4.75 -9.89
N SER A 244 21.51 5.12 -9.60
CA SER A 244 20.64 5.46 -10.70
C SER A 244 19.49 6.36 -10.24
N LEU A 245 19.13 7.34 -11.05
CA LEU A 245 18.07 8.23 -10.69
C LEU A 245 16.81 7.89 -11.44
N ASN A 246 16.71 6.68 -11.98
CA ASN A 246 15.56 6.40 -12.87
C ASN A 246 14.21 6.52 -12.17
N ARG A 247 14.15 6.00 -10.93
CA ARG A 247 12.96 5.98 -10.09
C ARG A 247 12.59 7.42 -9.77
N ALA A 248 13.57 8.26 -9.50
CA ALA A 248 13.31 9.64 -9.09
C ALA A 248 13.09 10.64 -10.24
N ALA A 249 13.36 10.20 -11.47
CA ALA A 249 13.54 11.13 -12.59
C ALA A 249 12.33 12.02 -12.93
N SER A 250 11.15 11.43 -13.12
CA SER A 250 9.98 12.27 -13.36
C SER A 250 9.80 13.33 -12.31
N ILE A 251 10.15 13.01 -11.07
CA ILE A 251 9.99 13.95 -9.97
C ILE A 251 10.99 15.10 -10.09
N LEU A 252 12.28 14.74 -10.04
CA LEU A 252 13.34 15.70 -10.23
C LEU A 252 13.16 16.55 -11.47
N ASN A 253 12.75 15.92 -12.58
CA ASN A 253 12.47 16.72 -13.77
C ASN A 253 11.33 17.73 -13.59
N PHE A 254 10.28 17.36 -12.88
CA PHE A 254 9.14 18.26 -12.80
C PHE A 254 9.46 19.44 -11.88
N CYS A 255 10.30 19.17 -10.90
CA CYS A 255 10.69 20.18 -9.94
C CYS A 255 11.63 21.19 -10.55
N ALA A 256 12.61 20.68 -11.29
CA ALA A 256 13.63 21.46 -11.99
C ALA A 256 12.95 22.37 -13.00
N GLN A 257 12.25 21.78 -13.96
CA GLN A 257 11.40 22.56 -14.91
C GLN A 257 10.50 23.65 -14.33
N ASN A 258 10.18 23.58 -13.03
CA ASN A 258 9.13 24.42 -12.42
C ASN A 258 9.67 25.14 -11.22
N ASN A 259 10.98 25.14 -11.14
CA ASN A 259 11.68 25.74 -10.02
C ASN A 259 11.03 25.57 -8.67
N ILE A 260 10.94 24.29 -8.27
CA ILE A 260 10.65 23.84 -6.93
C ILE A 260 11.96 23.20 -6.40
N ALA A 261 12.37 23.52 -5.18
CA ALA A 261 13.61 22.91 -4.64
C ALA A 261 13.33 21.51 -4.11
N VAL A 262 14.39 20.80 -3.75
CA VAL A 262 14.27 19.39 -3.42
C VAL A 262 15.16 19.01 -2.26
N ARG A 263 14.59 18.20 -1.36
CA ARG A 263 15.37 17.65 -0.25
C ARG A 263 15.72 16.25 -0.74
N GLY A 264 17.00 15.91 -0.71
CA GLY A 264 17.42 14.57 -0.99
C GLY A 264 17.16 13.78 0.25
N HIS A 265 16.71 12.54 0.05
CA HIS A 265 16.25 11.68 1.15
C HIS A 265 16.28 10.25 0.68
N THR A 266 17.27 9.45 1.13
CA THR A 266 18.24 9.78 2.18
C THR A 266 19.48 8.90 1.96
N LEU A 267 20.64 9.33 2.41
CA LEU A 267 21.89 8.64 2.04
C LEU A 267 22.14 7.43 2.91
N VAL A 268 21.84 7.54 4.19
CA VAL A 268 22.07 6.43 5.13
C VAL A 268 20.83 6.16 6.01
N TRP A 269 20.55 4.88 6.26
CA TRP A 269 19.34 4.47 6.94
C TRP A 269 19.47 2.99 7.17
N HIS A 270 19.10 2.53 8.34
CA HIS A 270 19.17 1.11 8.61
C HIS A 270 18.10 0.40 7.75
N SER A 271 17.11 1.14 7.29
CA SER A 271 16.00 0.55 6.59
C SER A 271 16.02 0.92 5.09
N GLN A 272 15.10 0.31 4.32
CA GLN A 272 15.01 0.51 2.87
C GLN A 272 16.37 0.56 2.11
N THR A 273 17.27 -0.34 2.47
CA THR A 273 18.62 -0.38 1.95
C THR A 273 18.89 -1.86 1.84
N PRO A 274 19.26 -2.28 0.63
CA PRO A 274 19.33 -3.71 0.39
C PRO A 274 20.59 -4.34 1.07
N GLN A 275 20.42 -5.60 1.50
CA GLN A 275 21.38 -6.26 2.37
C GLN A 275 22.71 -6.46 1.67
N TRP A 276 22.57 -6.72 0.36
CA TRP A 276 23.69 -7.01 -0.49
C TRP A 276 24.70 -5.91 -0.45
N PHE A 277 24.24 -4.69 -0.24
CA PHE A 277 25.13 -3.53 -0.15
C PHE A 277 26.13 -3.69 0.97
N PHE A 278 25.89 -4.67 1.86
CA PHE A 278 26.69 -4.84 3.06
C PHE A 278 27.53 -6.09 3.01
N LYS A 279 27.44 -6.81 1.90
CA LYS A 279 28.03 -8.15 1.79
C LYS A 279 29.19 -8.23 0.78
N ASP A 280 30.26 -8.90 1.21
CA ASP A 280 31.53 -9.07 0.40
C ASP A 280 31.37 -9.42 -1.09
N ASN A 281 30.31 -10.16 -1.41
CA ASN A 281 30.10 -10.60 -2.76
C ASN A 281 28.81 -10.05 -3.39
N PHE A 282 28.36 -8.87 -2.94
CA PHE A 282 27.13 -8.22 -3.46
C PHE A 282 25.96 -9.17 -3.65
N GLN A 283 25.95 -10.19 -2.79
CA GLN A 283 24.77 -11.01 -2.60
C GLN A 283 24.12 -10.64 -1.27
N ASP A 284 22.78 -10.71 -1.26
CA ASP A 284 21.97 -10.58 -0.07
C ASP A 284 22.43 -11.54 0.97
N ASN A 285 22.89 -12.71 0.57
CA ASN A 285 23.42 -13.68 1.54
C ASN A 285 24.92 -13.91 1.34
N GLY A 286 25.70 -12.96 1.83
CA GLY A 286 27.12 -12.95 1.60
C GLY A 286 27.77 -13.08 2.94
N ASN A 287 28.79 -12.28 3.20
CA ASN A 287 29.41 -12.18 4.52
C ASN A 287 29.57 -10.70 4.81
N TRP A 288 29.52 -10.32 6.07
CA TRP A 288 29.60 -8.90 6.42
C TRP A 288 30.99 -8.45 6.03
N VAL A 289 31.10 -7.26 5.48
CA VAL A 289 32.36 -6.74 4.95
C VAL A 289 33.17 -6.01 6.05
N SER A 290 34.46 -5.79 5.84
CA SER A 290 35.27 -5.02 6.80
C SER A 290 34.73 -3.61 6.93
N GLN A 291 35.10 -2.91 7.99
CA GLN A 291 34.94 -1.45 8.01
C GLN A 291 35.64 -0.81 6.80
N SER A 292 36.96 -1.01 6.71
CA SER A 292 37.73 -0.55 5.57
C SER A 292 36.99 -0.63 4.24
N VAL A 293 36.30 -1.74 4.03
CA VAL A 293 35.50 -1.96 2.82
C VAL A 293 34.24 -1.09 2.73
N MSE A 294 33.53 -0.94 3.85
CA MSE A 294 32.35 -0.08 3.85
C MSE A 294 32.74 1.38 3.69
O MSE A 294 31.99 2.13 3.11
CB MSE A 294 31.46 -0.29 5.08
CG MSE A 294 30.44 -1.38 4.87
SE MSE A 294 28.96 -1.08 3.62
CE MSE A 294 28.74 -2.88 3.07
N ASP A 295 33.92 1.78 4.16
CA ASP A 295 34.32 3.16 3.88
C ASP A 295 34.39 3.43 2.37
N GLN A 296 34.91 2.45 1.65
CA GLN A 296 34.93 2.51 0.19
C GLN A 296 33.51 2.61 -0.32
N ARG A 297 32.70 1.59 -0.04
CA ARG A 297 31.33 1.54 -0.56
C ARG A 297 30.50 2.77 -0.16
N LEU A 298 30.71 3.28 1.07
CA LEU A 298 29.95 4.44 1.53
C LEU A 298 30.37 5.65 0.71
N GLU A 299 31.68 5.93 0.69
CA GLU A 299 32.16 7.12 0.00
C GLU A 299 31.67 7.15 -1.43
N SER A 300 31.90 6.03 -2.12
CA SER A 300 31.44 5.85 -3.49
C SER A 300 29.94 6.18 -3.67
N TYR A 301 29.08 5.62 -2.82
CA TYR A 301 27.63 5.74 -3.02
C TYR A 301 27.32 7.20 -2.98
N ILE A 302 27.97 7.90 -2.09
CA ILE A 302 27.68 9.30 -1.86
C ILE A 302 28.19 10.18 -3.02
N LYS A 303 29.46 9.98 -3.35
CA LYS A 303 30.11 10.63 -4.46
C LYS A 303 29.28 10.44 -5.70
N ASN A 304 28.92 9.21 -6.01
CA ASN A 304 28.28 8.99 -7.28
C ASN A 304 26.87 9.55 -7.27
N MSE A 305 26.31 9.58 -6.08
CA MSE A 305 24.94 9.95 -5.96
C MSE A 305 24.88 11.47 -6.21
O MSE A 305 23.99 11.96 -6.92
CB MSE A 305 24.38 9.48 -4.62
CG MSE A 305 22.90 9.66 -4.48
SE MSE A 305 21.83 8.53 -5.62
CE MSE A 305 22.85 7.01 -5.18
N PHE A 306 25.88 12.20 -5.71
CA PHE A 306 25.92 13.64 -6.02
C PHE A 306 26.30 13.90 -7.49
N ALA A 307 27.28 13.14 -7.97
CA ALA A 307 27.65 13.22 -9.38
C ALA A 307 26.43 13.11 -10.28
N GLU A 308 25.61 12.10 -10.09
CA GLU A 308 24.53 11.87 -11.02
C GLU A 308 23.49 12.97 -11.02
N ILE A 309 23.35 13.65 -9.89
CA ILE A 309 22.34 14.71 -9.84
C ILE A 309 22.84 15.92 -10.62
N GLN A 310 24.06 16.31 -10.27
CA GLN A 310 24.82 17.35 -10.95
C GLN A 310 24.84 17.09 -12.47
N ARG A 311 25.26 15.88 -12.85
CA ARG A 311 25.21 15.48 -14.23
C ARG A 311 23.80 15.63 -14.83
N GLN A 312 22.79 15.01 -14.24
CA GLN A 312 21.55 14.87 -14.98
C GLN A 312 20.56 16.02 -14.86
N TYR A 313 20.67 16.78 -13.75
CA TYR A 313 19.68 17.81 -13.36
C TYR A 313 20.39 18.93 -12.66
N PRO A 314 21.29 19.62 -13.42
CA PRO A 314 22.18 20.61 -12.78
C PRO A 314 21.39 21.86 -12.43
N SER A 315 20.28 22.09 -13.12
CA SER A 315 19.52 23.29 -12.83
C SER A 315 18.69 23.11 -11.57
N LEU A 316 18.54 21.84 -11.14
CA LEU A 316 17.75 21.50 -9.97
C LEU A 316 18.32 22.17 -8.76
N ASN A 317 17.45 22.81 -8.00
CA ASN A 317 17.87 23.33 -6.74
C ASN A 317 17.97 22.27 -5.63
N LEU A 318 19.13 21.67 -5.43
CA LEU A 318 19.18 20.71 -4.37
C LEU A 318 19.47 21.36 -3.02
N TYR A 319 18.47 21.95 -2.35
CA TYR A 319 18.81 22.75 -1.13
C TYR A 319 19.12 22.06 0.22
N ALA A 320 18.87 20.76 0.31
CA ALA A 320 19.05 20.00 1.56
C ALA A 320 19.13 18.51 1.29
N TYR A 321 19.81 17.81 2.17
CA TYR A 321 19.83 16.37 2.09
C TYR A 321 19.94 15.71 3.45
N ASP A 322 19.18 14.63 3.62
CA ASP A 322 19.16 13.90 4.87
C ASP A 322 20.34 12.93 4.84
N VAL A 323 21.46 13.38 5.38
CA VAL A 323 22.68 12.58 5.24
C VAL A 323 22.56 11.28 6.01
N VAL A 324 22.32 11.34 7.32
CA VAL A 324 21.94 10.14 8.10
C VAL A 324 20.47 10.23 8.57
N ASN A 325 19.70 9.12 8.46
CA ASN A 325 18.29 9.05 8.86
C ASN A 325 18.02 8.14 10.06
N ALA A 326 17.32 8.66 11.09
CA ALA A 326 16.87 7.85 12.22
C ALA A 326 17.89 6.81 12.74
N ALA A 327 19.09 7.24 13.10
CA ALA A 327 20.11 6.29 13.55
C ALA A 327 20.13 6.01 15.08
N VAL A 328 19.35 6.80 15.85
CA VAL A 328 19.33 6.73 17.32
C VAL A 328 18.20 5.83 17.75
N SER A 329 18.48 4.95 18.72
CA SER A 329 17.43 4.03 19.25
C SER A 329 16.21 4.68 19.92
N ASP A 330 15.06 4.04 19.84
CA ASP A 330 13.96 4.45 20.67
C ASP A 330 14.11 3.90 22.10
N ASP A 331 14.95 2.88 22.25
CA ASP A 331 15.20 2.19 23.50
C ASP A 331 16.10 3.05 24.43
N ALA A 332 15.54 3.58 25.52
CA ALA A 332 16.31 4.37 26.51
C ALA A 332 17.57 3.64 27.09
N ASN A 333 17.54 2.31 27.13
CA ASN A 333 18.70 1.54 27.46
C ASN A 333 19.86 1.81 26.48
N ARG A 334 19.54 1.92 25.19
CA ARG A 334 20.59 2.11 24.20
C ARG A 334 21.04 3.56 24.18
N THR A 335 20.14 4.51 24.39
CA THR A 335 20.60 5.90 24.46
C THR A 335 21.42 6.17 25.71
N ARG A 336 21.18 5.45 26.79
CA ARG A 336 22.06 5.61 27.94
C ARG A 336 23.43 5.00 27.70
N TYR A 337 23.48 3.69 27.50
CA TYR A 337 24.77 2.96 27.52
C TYR A 337 25.52 2.90 26.22
N TYR A 338 24.75 2.85 25.12
CA TYR A 338 25.27 2.55 23.78
C TYR A 338 25.24 3.73 22.85
N GLY A 339 25.28 4.95 23.39
CA GLY A 339 25.38 6.16 22.57
C GLY A 339 24.15 6.46 21.74
N GLY A 340 23.30 5.47 21.51
CA GLY A 340 22.11 5.61 20.70
C GLY A 340 22.08 4.56 19.61
N ALA A 341 23.15 3.79 19.51
CA ALA A 341 23.26 2.75 18.52
C ALA A 341 22.01 1.89 18.54
N ARG A 342 21.37 1.67 17.41
CA ARG A 342 20.37 0.64 17.30
C ARG A 342 21.02 -0.73 17.51
N GLU A 343 20.23 -1.79 17.48
CA GLU A 343 20.77 -3.13 17.67
C GLU A 343 21.41 -3.59 16.37
N PRO A 344 22.64 -4.17 16.44
CA PRO A 344 23.28 -4.69 15.19
C PRO A 344 22.39 -5.74 14.53
N GLY A 345 22.30 -5.70 13.20
CA GLY A 345 21.58 -6.75 12.42
C GLY A 345 20.94 -6.17 11.17
N TYR A 346 19.98 -6.90 10.61
CA TYR A 346 19.26 -6.44 9.45
C TYR A 346 17.73 -6.66 9.56
N GLY A 347 16.91 -5.62 9.28
CA GLY A 347 15.44 -5.66 9.35
C GLY A 347 14.91 -5.39 10.76
N ASN A 348 13.59 -5.31 10.93
CA ASN A 348 12.95 -5.14 12.28
C ASN A 348 13.34 -3.86 13.03
N GLY A 349 14.19 -3.01 12.46
CA GLY A 349 14.64 -1.84 13.19
C GLY A 349 16.02 -2.03 13.71
N ARG A 350 16.61 -3.19 13.44
CA ARG A 350 18.06 -3.39 13.55
C ARG A 350 18.90 -2.67 12.46
N SER A 351 20.11 -2.28 12.80
CA SER A 351 20.97 -1.51 11.90
C SER A 351 22.13 -2.33 11.35
N PRO A 352 22.15 -2.54 10.01
CA PRO A 352 23.26 -3.16 9.32
C PRO A 352 24.47 -2.27 9.42
N TRP A 353 24.26 -0.98 9.62
CA TRP A 353 25.38 -0.10 9.80
C TRP A 353 26.01 -0.43 11.11
N VAL A 354 25.23 -0.46 12.20
CA VAL A 354 25.75 -0.81 13.54
C VAL A 354 26.34 -2.24 13.54
N GLN A 355 25.73 -3.11 12.75
CA GLN A 355 26.26 -4.43 12.50
C GLN A 355 27.72 -4.45 12.05
N ILE A 356 28.10 -3.48 11.21
CA ILE A 356 29.42 -3.47 10.60
C ILE A 356 30.40 -2.67 11.42
N TYR A 357 29.92 -1.60 12.05
CA TYR A 357 30.76 -0.58 12.64
C TYR A 357 30.77 -0.66 14.15
N GLY A 358 29.83 -1.44 14.71
CA GLY A 358 29.70 -1.65 16.16
C GLY A 358 29.01 -0.55 16.94
N ASP A 359 28.77 0.60 16.29
CA ASP A 359 28.21 1.75 17.00
C ASP A 359 27.98 2.86 15.99
N ASN A 360 27.75 4.10 16.44
CA ASN A 360 27.39 5.21 15.56
C ASN A 360 28.56 6.05 15.04
N LYS A 361 29.76 5.46 15.02
CA LYS A 361 30.93 6.12 14.39
C LYS A 361 30.66 6.48 12.93
N PHE A 362 29.82 5.66 12.30
CA PHE A 362 29.56 5.82 10.91
C PHE A 362 28.84 7.13 10.58
N ILE A 363 28.12 7.70 11.52
CA ILE A 363 27.46 8.99 11.24
C ILE A 363 28.45 10.12 10.80
N GLU A 364 29.49 10.33 11.61
CA GLU A 364 30.47 11.32 11.28
C GLU A 364 31.11 11.02 9.91
N LYS A 365 31.47 9.75 9.69
CA LYS A 365 32.04 9.33 8.42
C LYS A 365 31.18 9.76 7.24
N ALA A 366 29.91 9.40 7.27
CA ALA A 366 28.99 9.76 6.20
C ALA A 366 28.85 11.26 5.99
N PHE A 367 28.95 12.05 7.05
CA PHE A 367 28.75 13.49 6.92
C PHE A 367 30.00 14.11 6.35
N THR A 368 31.12 13.42 6.50
CA THR A 368 32.38 13.87 5.92
C THR A 368 32.41 13.66 4.40
N TYR A 369 32.06 12.47 3.96
CA TYR A 369 31.91 12.28 2.55
C TYR A 369 30.86 13.27 2.01
N ALA A 370 29.72 13.39 2.67
CA ALA A 370 28.70 14.28 2.17
C ALA A 370 29.24 15.69 2.02
N ARG A 371 29.97 16.14 3.03
CA ARG A 371 30.48 17.51 2.99
C ARG A 371 31.43 17.66 1.77
N LYS A 372 32.37 16.70 1.63
CA LYS A 372 33.27 16.65 0.47
C LYS A 372 32.62 16.70 -0.92
N TYR A 373 31.47 16.08 -1.16
CA TYR A 373 30.87 16.08 -2.49
C TYR A 373 29.59 16.85 -2.73
N ALA A 374 28.98 17.42 -1.69
CA ALA A 374 27.69 18.07 -1.91
C ALA A 374 27.84 19.48 -2.41
N PRO A 375 26.91 19.94 -3.28
CA PRO A 375 26.96 21.34 -3.69
C PRO A 375 26.88 22.26 -2.50
N ALA A 376 27.64 23.37 -2.52
CA ALA A 376 27.66 24.29 -1.37
C ALA A 376 26.24 24.79 -1.04
N ASN A 377 25.41 25.02 -2.05
CA ASN A 377 24.06 25.45 -1.73
C ASN A 377 23.13 24.42 -1.05
N CYS A 378 23.52 23.13 -1.13
CA CYS A 378 22.88 21.95 -0.43
C CYS A 378 23.40 21.66 1.00
N LYS A 379 22.50 21.92 1.95
CA LYS A 379 22.76 21.86 3.39
C LYS A 379 22.45 20.49 3.90
N LEU A 380 23.24 20.09 4.89
CA LEU A 380 23.31 18.71 5.34
C LEU A 380 22.61 18.52 6.65
N TYR A 381 21.73 17.51 6.72
CA TYR A 381 20.83 17.34 7.86
C TYR A 381 20.94 15.99 8.49
N TYR A 382 20.90 15.94 9.82
CA TYR A 382 20.51 14.73 10.55
C TYR A 382 18.97 14.72 10.76
N ASN A 383 18.35 13.63 10.32
CA ASN A 383 16.91 13.51 10.31
C ASN A 383 16.47 12.42 11.24
N ASP A 384 15.46 12.76 12.08
CA ASP A 384 14.96 11.83 13.11
C ASP A 384 13.54 12.12 13.58
N TYR A 385 12.94 11.05 14.13
CA TYR A 385 11.56 11.03 14.57
C TYR A 385 11.54 10.71 16.09
N ASN A 386 10.44 11.08 16.76
CA ASN A 386 10.28 10.95 18.25
C ASN A 386 11.36 11.88 18.79
N GLU A 387 11.52 13.03 18.12
CA GLU A 387 12.69 13.90 18.31
C GLU A 387 12.48 14.84 19.52
N TYR A 388 11.30 14.71 20.15
CA TYR A 388 10.88 15.50 21.30
C TYR A 388 10.65 14.60 22.54
N TRP A 389 11.08 13.36 22.47
CA TRP A 389 10.92 12.47 23.60
C TRP A 389 12.25 12.54 24.30
N ASP A 390 12.23 13.07 25.53
CA ASP A 390 13.44 13.47 26.29
C ASP A 390 14.70 12.64 26.12
N HIS A 391 14.72 11.36 26.46
CA HIS A 391 15.99 10.62 26.39
C HIS A 391 16.60 10.63 24.98
N LYS A 392 15.71 10.57 23.98
CA LYS A 392 16.07 10.51 22.57
C LYS A 392 16.49 11.89 22.11
N ARG A 393 15.62 12.88 22.24
CA ARG A 393 15.94 14.29 21.97
C ARG A 393 17.35 14.61 22.41
N ASP A 394 17.66 14.32 23.66
CA ASP A 394 18.96 14.63 24.22
C ASP A 394 20.05 13.96 23.46
N CYS A 395 19.83 12.71 23.12
CA CYS A 395 20.84 12.01 22.35
C CYS A 395 21.10 12.63 20.95
N ILE A 396 20.03 12.75 20.19
CA ILE A 396 20.05 13.36 18.87
C ILE A 396 20.84 14.64 18.98
N ALA A 397 20.32 15.59 19.80
CA ALA A 397 20.91 16.95 19.94
C ALA A 397 22.39 16.95 20.33
N SER A 398 22.84 15.99 21.13
CA SER A 398 24.24 15.94 21.48
C SER A 398 25.09 15.64 20.24
N ILE A 399 24.89 14.45 19.67
CA ILE A 399 25.34 14.09 18.32
C ILE A 399 25.38 15.27 17.36
N CYS A 400 24.26 15.94 17.17
CA CYS A 400 24.18 16.92 16.10
C CYS A 400 25.04 18.14 16.38
N ALA A 401 25.16 18.48 17.65
CA ALA A 401 25.90 19.69 18.04
C ALA A 401 27.38 19.41 17.80
N ASN A 402 27.80 18.26 18.31
CA ASN A 402 29.10 17.78 17.99
C ASN A 402 29.45 17.83 16.47
N LEU A 403 28.53 17.43 15.59
CA LEU A 403 28.78 17.52 14.16
C LEU A 403 28.78 18.96 13.62
N TYR A 404 28.01 19.82 14.27
CA TYR A 404 27.83 21.18 13.77
C TYR A 404 29.12 21.91 14.00
N ASN A 405 29.63 21.71 15.21
CA ASN A 405 30.87 22.28 15.65
C ASN A 405 32.05 21.84 14.84
N LYS A 406 32.02 20.61 14.34
CA LYS A 406 33.02 20.15 13.39
C LYS A 406 32.87 20.60 11.93
N GLY A 407 32.10 21.64 11.63
CA GLY A 407 31.82 22.02 10.22
C GLY A 407 30.97 21.05 9.39
N LEU A 408 30.68 19.87 9.95
CA LEU A 408 30.07 18.80 9.18
C LEU A 408 28.56 18.90 9.00
N LEU A 409 27.79 19.33 10.01
CA LEU A 409 26.31 19.40 9.90
C LEU A 409 25.77 20.81 9.70
N ASP A 410 24.63 20.98 9.05
CA ASP A 410 24.08 22.32 8.93
C ASP A 410 22.78 22.53 9.69
N GLY A 411 22.06 21.45 9.96
CA GLY A 411 20.67 21.53 10.41
C GLY A 411 20.18 20.23 11.03
N VAL A 412 19.23 20.35 11.97
CA VAL A 412 18.49 19.19 12.51
C VAL A 412 17.12 19.07 11.81
N GLY A 413 16.83 17.82 11.40
CA GLY A 413 15.61 17.51 10.69
C GLY A 413 14.61 16.93 11.66
N MSE A 414 13.56 17.65 11.99
CA MSE A 414 12.57 17.11 12.90
C MSE A 414 11.47 16.46 12.08
O MSE A 414 10.69 17.19 11.48
CB MSE A 414 11.95 18.21 13.74
CG MSE A 414 12.95 19.03 14.57
SE MSE A 414 12.03 20.41 15.65
CE MSE A 414 11.72 19.31 17.20
N GLN A 415 11.39 15.13 12.06
CA GLN A 415 10.42 14.46 11.20
C GLN A 415 8.99 14.84 11.51
N SER A 416 8.69 14.88 12.84
CA SER A 416 7.46 15.47 13.40
C SER A 416 6.31 14.63 12.96
N HIS A 417 6.43 13.33 13.19
CA HIS A 417 5.27 12.43 13.10
C HIS A 417 4.54 12.50 14.43
N ILE A 418 3.65 13.48 14.54
CA ILE A 418 3.00 13.77 15.81
C ILE A 418 1.52 13.44 15.67
N ASN A 419 0.77 13.68 16.75
CA ASN A 419 -0.73 13.65 16.73
C ASN A 419 -1.44 15.02 16.95
N ALA A 420 -2.77 15.03 16.91
CA ALA A 420 -3.55 16.27 17.06
C ALA A 420 -3.64 16.73 18.50
N ASP A 421 -3.08 15.98 19.43
CA ASP A 421 -3.04 16.38 20.83
C ASP A 421 -2.18 17.60 21.13
N MSE A 422 -2.80 18.59 21.76
CA MSE A 422 -2.10 19.76 22.22
C MSE A 422 -1.23 19.49 23.45
O MSE A 422 -0.29 20.21 23.78
CB MSE A 422 -3.12 20.84 22.45
CG MSE A 422 -2.58 22.23 22.16
SE MSE A 422 -2.03 22.68 20.36
CE MSE A 422 -3.69 22.86 19.46
N ASN A 423 -1.54 18.37 24.10
CA ASN A 423 -0.84 17.85 25.29
C ASN A 423 -0.06 16.53 25.03
N GLY A 424 0.60 16.03 26.06
CA GLY A 424 1.16 14.69 26.03
C GLY A 424 2.46 14.59 25.27
N PHE A 425 2.68 13.39 24.74
CA PHE A 425 4.02 12.93 24.30
C PHE A 425 4.67 13.82 23.22
N SER A 426 3.92 14.06 22.14
CA SER A 426 4.28 14.98 21.06
C SER A 426 3.46 16.27 21.16
N GLY A 427 3.33 16.78 22.38
CA GLY A 427 2.47 17.94 22.61
C GLY A 427 3.29 19.20 22.51
N ILE A 428 2.56 20.30 22.37
CA ILE A 428 3.13 21.58 21.98
C ILE A 428 4.21 22.03 22.91
N GLN A 429 4.12 21.66 24.17
CA GLN A 429 5.22 21.91 25.06
C GLN A 429 6.43 21.09 24.74
N ASN A 430 6.31 19.77 24.70
CA ASN A 430 7.46 18.91 24.42
C ASN A 430 8.04 19.25 23.02
N TYR A 431 7.15 19.60 22.12
CA TYR A 431 7.57 19.95 20.79
C TYR A 431 8.45 21.23 20.77
N LYS A 432 7.88 22.36 21.23
CA LYS A 432 8.63 23.62 21.45
C LYS A 432 9.96 23.34 22.17
N ALA A 433 9.96 22.39 23.10
CA ALA A 433 11.12 22.21 23.91
C ALA A 433 12.24 21.76 23.04
N ALA A 434 11.94 20.83 22.12
CA ALA A 434 12.96 20.22 21.26
C ALA A 434 13.43 21.23 20.25
N LEU A 435 12.45 21.81 19.56
CA LEU A 435 12.68 22.88 18.60
C LEU A 435 13.70 23.84 19.14
N GLN A 436 13.42 24.37 20.34
CA GLN A 436 14.25 25.37 20.97
C GLN A 436 15.62 24.77 21.25
N LYS A 437 15.64 23.60 21.87
CA LYS A 437 16.91 22.99 22.23
C LYS A 437 17.78 22.76 20.99
N TYR A 438 17.14 22.50 19.84
CA TYR A 438 17.90 22.22 18.65
C TYR A 438 18.54 23.49 18.19
N ILE A 439 17.71 24.44 17.75
CA ILE A 439 18.12 25.79 17.44
C ILE A 439 19.23 26.31 18.40
N ASN A 440 19.14 26.05 19.70
CA ASN A 440 20.18 26.51 20.61
C ASN A 440 21.53 25.91 20.30
N ILE A 441 21.66 25.23 19.19
CA ILE A 441 22.91 24.53 18.89
C ILE A 441 23.81 25.47 18.07
N GLY A 442 23.14 26.33 17.32
CA GLY A 442 23.77 27.12 16.30
C GLY A 442 23.14 26.79 14.95
N CYS A 443 23.02 25.49 14.65
CA CYS A 443 22.56 25.02 13.32
C CYS A 443 21.15 25.39 13.06
N ASP A 444 20.69 25.19 11.84
CA ASP A 444 19.29 25.36 11.59
C ASP A 444 18.49 24.09 11.99
N VAL A 445 17.20 24.17 11.75
CA VAL A 445 16.24 23.12 11.95
C VAL A 445 15.29 23.20 10.74
N GLN A 446 14.93 22.04 10.21
CA GLN A 446 13.79 21.93 9.32
C GLN A 446 12.87 20.87 9.88
N ILE A 447 11.61 21.11 9.61
CA ILE A 447 10.51 20.28 9.95
C ILE A 447 10.24 19.48 8.68
N THR A 448 10.82 18.29 8.69
CA THR A 448 11.03 17.49 7.49
C THR A 448 9.90 16.61 7.02
N GLU A 449 9.14 15.96 7.90
CA GLU A 449 8.10 15.02 7.46
C GLU A 449 6.78 15.15 8.21
N LEU A 450 6.32 16.37 8.40
CA LEU A 450 5.23 16.65 9.30
C LEU A 450 3.90 16.02 8.93
N ASP A 451 3.34 15.26 9.84
CA ASP A 451 1.95 14.84 9.74
C ASP A 451 1.29 14.84 11.10
N ILE A 452 -0.03 15.02 11.11
CA ILE A 452 -0.74 15.20 12.37
C ILE A 452 -1.95 14.28 12.47
N SER A 453 -1.74 13.17 13.17
CA SER A 453 -2.63 11.99 13.10
C SER A 453 -3.89 12.14 13.92
N THR A 454 -5.07 12.03 13.33
CA THR A 454 -6.28 12.14 14.15
C THR A 454 -6.46 10.86 14.96
N GLU A 455 -5.42 10.06 15.08
CA GLU A 455 -5.59 8.73 15.67
C GLU A 455 -6.97 8.06 15.48
N ASN A 456 -7.30 7.82 14.23
CA ASN A 456 -8.53 7.13 13.82
C ASN A 456 -9.74 7.84 14.38
N GLY A 457 -9.78 9.16 14.25
CA GLY A 457 -10.99 9.91 14.57
C GLY A 457 -11.09 10.27 16.04
N LYS A 458 -10.12 9.82 16.83
CA LYS A 458 -10.04 10.19 18.21
C LYS A 458 -10.08 11.73 18.37
N PHE A 459 -9.28 12.42 17.56
CA PHE A 459 -9.25 13.89 17.52
C PHE A 459 -10.03 14.45 16.35
N SER A 460 -10.42 15.72 16.41
CA SER A 460 -11.24 16.22 15.30
C SER A 460 -10.40 17.06 14.37
N LEU A 461 -10.87 17.16 13.12
CA LEU A 461 -10.24 18.04 12.15
C LEU A 461 -9.92 19.43 12.74
N GLN A 462 -10.71 19.85 13.74
CA GLN A 462 -10.36 21.07 14.47
C GLN A 462 -9.26 20.96 15.43
N GLN A 463 -9.26 19.95 16.28
CA GLN A 463 -8.15 19.84 17.17
C GLN A 463 -6.87 19.61 16.34
N GLN A 464 -7.06 18.97 15.18
CA GLN A 464 -6.03 18.88 14.19
C GLN A 464 -5.57 20.31 13.72
N ALA A 465 -6.51 21.12 13.23
CA ALA A 465 -6.22 22.47 12.76
C ALA A 465 -5.43 23.17 13.82
N ASP A 466 -5.79 22.96 15.07
CA ASP A 466 -5.24 23.76 16.13
C ASP A 466 -3.81 23.40 16.29
N LYS A 467 -3.47 22.13 16.02
CA LYS A 467 -2.14 21.63 16.23
C LYS A 467 -1.23 22.06 15.11
N TYR A 468 -1.66 21.88 13.88
CA TYR A 468 -0.99 22.50 12.73
C TYR A 468 -0.71 23.98 12.96
N LYS A 469 -1.73 24.76 13.35
CA LYS A 469 -1.57 26.21 13.56
C LYS A 469 -0.51 26.44 14.64
N ALA A 470 -0.50 25.59 15.65
CA ALA A 470 0.49 25.70 16.69
C ALA A 470 1.90 25.48 16.23
N VAL A 471 2.09 24.71 15.16
CA VAL A 471 3.44 24.19 14.80
C VAL A 471 4.15 25.18 13.91
N PHE A 472 3.40 25.60 12.90
CA PHE A 472 3.77 26.73 12.07
C PHE A 472 4.03 27.96 12.95
N GLN A 473 3.08 28.33 13.80
CA GLN A 473 3.36 29.35 14.80
C GLN A 473 4.70 29.10 15.54
N ALA A 474 5.02 27.91 16.01
CA ALA A 474 6.25 27.84 16.79
C ALA A 474 7.52 28.12 15.94
N ALA A 475 7.41 27.78 14.65
CA ALA A 475 8.49 27.93 13.68
C ALA A 475 8.71 29.39 13.47
N VAL A 476 7.65 30.05 13.00
CA VAL A 476 7.61 31.48 12.87
C VAL A 476 8.18 32.24 14.09
N ASP A 477 7.83 31.85 15.32
CA ASP A 477 8.44 32.49 16.50
C ASP A 477 9.95 32.40 16.41
N ILE A 478 10.49 31.19 16.29
CA ILE A 478 11.92 31.02 16.30
C ILE A 478 12.58 31.98 15.33
N ASN A 479 12.03 32.04 14.12
CA ASN A 479 12.55 32.86 13.04
C ASN A 479 12.55 34.35 13.42
N ARG A 480 11.50 34.80 14.11
CA ARG A 480 11.37 36.18 14.55
C ARG A 480 12.18 36.50 15.81
N THR A 481 12.73 35.48 16.47
CA THR A 481 13.68 35.66 17.56
C THR A 481 15.12 35.62 17.03
N SER A 482 16.03 35.03 17.81
CA SER A 482 17.46 34.72 17.36
C SER A 482 17.60 33.27 16.83
N SER A 483 18.33 33.07 15.74
CA SER A 483 19.03 34.10 14.89
C SER A 483 20.61 34.11 15.02
N LYS A 484 20.85 33.15 15.49
CA LYS A 484 21.76 32.36 14.72
C LYS A 484 20.83 31.33 13.99
N GLY A 485 20.67 30.09 14.62
CA GLY A 485 19.79 29.10 13.95
C GLY A 485 18.45 29.59 13.39
N LYS A 486 17.99 29.04 12.27
CA LYS A 486 16.60 29.31 11.82
C LYS A 486 15.82 28.07 11.37
N VAL A 487 14.52 28.13 11.39
CA VAL A 487 13.77 27.09 10.69
C VAL A 487 13.69 27.54 9.23
N THR A 488 14.36 26.80 8.34
CA THR A 488 14.40 27.15 6.90
C THR A 488 13.42 26.42 6.00
N ALA A 489 12.75 25.40 6.56
CA ALA A 489 11.66 24.72 5.84
C ALA A 489 10.75 23.91 6.76
N VAL A 490 9.50 23.86 6.30
CA VAL A 490 8.48 23.14 6.97
C VAL A 490 7.78 22.34 5.88
N CYS A 491 7.88 21.01 5.91
CA CYS A 491 7.22 20.22 4.86
C CYS A 491 6.39 19.10 5.45
N VAL A 492 5.21 18.90 4.85
CA VAL A 492 4.31 17.84 5.21
C VAL A 492 4.52 16.54 4.38
N TRP A 493 4.49 15.41 5.07
CA TRP A 493 4.72 14.15 4.43
C TRP A 493 3.53 13.63 3.63
N GLY A 494 3.20 14.35 2.56
CA GLY A 494 2.19 13.91 1.64
C GLY A 494 1.38 15.11 1.17
N PRO A 495 0.69 14.96 0.06
CA PRO A 495 -0.05 16.08 -0.43
C PRO A 495 -1.48 16.11 0.09
N ASN A 496 -2.16 14.98 0.14
CA ASN A 496 -3.52 14.95 0.67
C ASN A 496 -3.82 13.67 1.46
N ASP A 497 -4.98 13.66 2.11
CA ASP A 497 -5.38 12.54 2.98
C ASP A 497 -5.54 11.21 2.23
N ALA A 498 -5.52 11.28 0.90
CA ALA A 498 -5.69 10.06 0.13
C ALA A 498 -4.36 9.45 -0.20
N ASN A 499 -3.26 10.12 0.18
CA ASN A 499 -1.93 9.56 -0.04
C ASN A 499 -1.02 9.83 1.10
N THR A 500 -1.07 8.97 2.10
CA THR A 500 -0.35 9.14 3.38
C THR A 500 0.03 7.79 3.91
N TRP A 501 1.28 7.64 4.32
CA TRP A 501 1.73 6.37 4.82
C TRP A 501 1.07 6.05 6.14
N LEU A 502 0.23 6.93 6.66
CA LEU A 502 -0.38 6.60 7.94
C LEU A 502 -1.71 5.96 7.75
N GLY A 503 -2.27 6.12 6.56
CA GLY A 503 -3.55 5.55 6.23
C GLY A 503 -4.57 6.65 6.40
N SER A 504 -5.57 6.65 5.52
CA SER A 504 -6.62 7.68 5.47
C SER A 504 -7.34 7.89 6.77
N GLN A 505 -7.58 6.77 7.45
CA GLN A 505 -8.26 6.76 8.71
C GLN A 505 -7.64 7.78 9.69
N ASN A 506 -6.42 8.27 9.44
CA ASN A 506 -5.86 9.21 10.34
C ASN A 506 -5.75 10.63 9.80
N ALA A 507 -6.42 10.89 8.68
CA ALA A 507 -6.42 12.16 7.94
C ALA A 507 -5.38 13.19 8.35
N PRO A 508 -4.09 12.92 8.05
CA PRO A 508 -3.09 13.67 8.78
C PRO A 508 -2.68 14.92 8.12
N LEU A 509 -3.15 15.16 6.89
CA LEU A 509 -2.59 16.24 6.06
C LEU A 509 -3.50 17.48 5.87
N LEU A 510 -3.08 18.41 5.00
CA LEU A 510 -3.76 19.68 4.88
C LEU A 510 -4.90 19.61 3.90
N PHE A 511 -4.95 18.53 3.11
CA PHE A 511 -5.94 18.47 2.02
C PHE A 511 -6.68 17.18 2.00
N ASN A 512 -7.98 17.22 1.74
CA ASN A 512 -8.77 15.98 1.80
C ASN A 512 -8.51 15.10 0.60
N ALA A 513 -9.15 13.96 0.56
CA ALA A 513 -8.96 13.08 -0.60
C ALA A 513 -9.43 13.73 -1.93
N ASN A 514 -10.08 14.88 -1.87
CA ASN A 514 -10.47 15.56 -3.13
C ASN A 514 -9.69 16.86 -3.35
N ASN A 515 -8.64 17.03 -2.57
CA ASN A 515 -7.77 18.19 -2.64
C ASN A 515 -8.42 19.45 -2.18
N GLN A 516 -9.63 19.43 -1.62
CA GLN A 516 -10.14 20.68 -1.04
CA GLN A 516 -10.21 20.63 -0.99
C GLN A 516 -9.45 20.88 0.31
N PRO A 517 -9.18 22.14 0.66
CA PRO A 517 -8.50 22.42 1.94
C PRO A 517 -9.30 21.96 3.14
N LYS A 518 -8.60 21.48 4.16
CA LYS A 518 -9.21 21.06 5.41
C LYS A 518 -9.06 22.23 6.34
N PRO A 519 -9.76 22.21 7.50
CA PRO A 519 -9.63 23.27 8.48
C PRO A 519 -8.19 23.53 8.91
N ALA A 520 -7.31 22.57 8.75
CA ALA A 520 -5.94 22.85 9.13
C ALA A 520 -5.30 23.78 8.12
N TYR A 521 -5.81 23.69 6.88
CA TYR A 521 -5.24 24.48 5.84
C TYR A 521 -5.43 25.96 6.09
N ASN A 522 -6.63 26.43 6.40
CA ASN A 522 -6.70 27.81 6.87
C ASN A 522 -6.19 28.09 8.24
N ALA A 523 -6.34 27.20 9.21
CA ALA A 523 -5.66 27.57 10.44
C ALA A 523 -4.26 28.12 10.06
N VAL A 524 -3.60 27.44 9.12
CA VAL A 524 -2.21 27.66 8.79
C VAL A 524 -2.10 28.83 7.81
N ALA A 525 -3.16 28.95 7.01
CA ALA A 525 -3.30 30.00 5.98
C ALA A 525 -3.52 31.40 6.51
N SER A 526 -3.46 31.55 7.82
CA SER A 526 -3.74 32.84 8.42
C SER A 526 -2.80 33.24 9.55
N ILE A 527 -1.64 32.61 9.66
CA ILE A 527 -0.70 33.09 10.64
C ILE A 527 0.02 34.31 10.12
N ILE A 528 0.09 34.45 8.79
CA ILE A 528 0.84 35.55 8.12
C ILE A 528 -0.05 36.62 7.40
N PRO A 529 0.04 37.89 7.85
CA PRO A 529 -0.85 38.96 7.30
C PRO A 529 -0.45 39.34 5.88
N GLN A 530 -1.42 39.58 4.99
CA GLN A 530 -1.20 39.84 3.53
C GLN A 530 -0.02 40.78 3.22
N SER A 531 0.14 41.80 4.05
CA SER A 531 1.26 42.72 4.00
C SER A 531 2.64 42.05 4.19
N GLU A 532 2.70 40.73 4.09
CA GLU A 532 3.90 40.00 4.51
C GLU A 532 4.20 38.83 3.63
N TRP A 533 3.26 38.52 2.76
CA TRP A 533 3.46 37.51 1.73
C TRP A 533 4.58 37.93 0.78
N GLY A 534 4.77 37.20 -0.32
CA GLY A 534 6.04 37.27 -1.02
C GLY A 534 6.13 36.35 -2.21
N ASP A 535 7.31 36.29 -2.83
CA ASP A 535 7.51 35.39 -3.95
C ASP A 535 7.95 34.03 -3.40
N GLY A 536 6.99 33.11 -3.47
CA GLY A 536 7.20 31.74 -3.09
C GLY A 536 8.04 31.03 -4.13
N ASN A 537 8.31 31.69 -5.24
CA ASN A 537 9.22 31.11 -6.18
C ASN A 537 10.61 31.62 -5.95
N ASN A 538 10.74 32.55 -5.02
CA ASN A 538 12.01 33.17 -4.71
C ASN A 538 12.26 33.44 -3.24
N PRO A 539 11.97 32.45 -2.41
CA PRO A 539 11.98 32.69 -1.00
C PRO A 539 13.37 32.89 -0.41
N ALA A 540 13.51 34.02 0.26
CA ALA A 540 14.49 34.20 1.32
C ALA A 540 14.23 33.15 2.43
N MSE B 21 7.49 -37.70 -8.54
CA MSE B 21 6.05 -37.34 -8.82
C MSE B 21 5.20 -37.72 -7.65
O MSE B 21 4.01 -37.43 -7.61
CB MSE B 21 5.51 -38.02 -10.11
CG MSE B 21 6.41 -37.79 -11.35
SE MSE B 21 7.39 -36.07 -11.23
CE MSE B 21 5.86 -34.80 -11.21
N ASP B 22 5.87 -38.36 -6.68
CA ASP B 22 5.28 -38.85 -5.43
C ASP B 22 4.32 -37.82 -4.79
N TYR B 23 4.67 -36.54 -4.85
CA TYR B 23 3.96 -35.51 -4.06
C TYR B 23 3.00 -34.65 -4.88
N GLU B 24 1.76 -34.70 -4.43
CA GLU B 24 0.66 -34.00 -5.04
C GLU B 24 0.29 -32.82 -4.15
N VAL B 25 0.37 -31.62 -4.71
CA VAL B 25 0.13 -30.38 -3.95
C VAL B 25 -1.24 -29.78 -4.15
N VAL B 26 -1.83 -29.98 -5.33
CA VAL B 26 -3.18 -29.57 -5.61
C VAL B 26 -3.91 -30.71 -6.30
N HIS B 27 -5.16 -30.96 -5.91
CA HIS B 27 -6.00 -31.97 -6.54
C HIS B 27 -7.46 -31.51 -6.49
N ASP B 28 -7.92 -30.78 -7.49
CA ASP B 28 -9.30 -30.24 -7.46
C ASP B 28 -10.29 -31.17 -8.14
N THR B 29 -11.20 -31.79 -7.38
CA THR B 29 -12.13 -32.71 -8.03
C THR B 29 -13.50 -32.08 -8.37
N PHE B 30 -13.86 -30.99 -7.71
CA PHE B 30 -15.13 -30.31 -7.89
C PHE B 30 -16.33 -31.05 -7.35
N GLU B 31 -16.08 -31.99 -6.48
CA GLU B 31 -17.13 -32.79 -5.88
C GLU B 31 -18.02 -32.02 -4.91
N VAL B 32 -17.41 -31.11 -4.11
CA VAL B 32 -18.20 -30.27 -3.18
C VAL B 32 -18.21 -28.77 -3.43
N ASN B 33 -17.04 -28.19 -3.70
CA ASN B 33 -16.88 -26.73 -3.84
C ASN B 33 -16.27 -26.32 -5.18
N PHE B 34 -16.08 -25.03 -5.44
CA PHE B 34 -15.52 -24.64 -6.69
C PHE B 34 -14.01 -24.63 -6.60
N ASP B 35 -13.47 -25.14 -5.52
CA ASP B 35 -12.02 -25.36 -5.37
C ASP B 35 -11.09 -24.26 -5.82
N GLY B 36 -11.45 -23.01 -5.53
CA GLY B 36 -10.66 -21.83 -5.94
C GLY B 36 -10.69 -21.53 -7.44
N TRP B 37 -11.79 -21.82 -8.10
CA TRP B 37 -11.75 -21.69 -9.54
C TRP B 37 -12.56 -20.53 -9.96
N CYS B 38 -11.95 -19.81 -10.88
CA CYS B 38 -12.45 -18.53 -11.28
C CYS B 38 -12.65 -18.31 -12.80
N ASN B 39 -13.81 -17.70 -13.07
CA ASN B 39 -14.22 -17.20 -14.36
C ASN B 39 -13.34 -16.06 -14.85
N LEU B 40 -12.37 -16.39 -15.70
CA LEU B 40 -11.50 -15.44 -16.43
C LEU B 40 -12.27 -14.72 -17.55
N GLY B 41 -12.50 -13.42 -17.40
CA GLY B 41 -13.40 -12.70 -18.32
C GLY B 41 -14.70 -12.44 -17.59
N VAL B 42 -15.06 -11.17 -17.43
CA VAL B 42 -16.08 -10.71 -16.49
C VAL B 42 -17.52 -11.15 -16.82
N ASP B 43 -17.72 -11.66 -18.04
CA ASP B 43 -19.05 -12.20 -18.41
C ASP B 43 -19.12 -13.74 -18.57
N THR B 44 -18.00 -14.38 -18.92
CA THR B 44 -17.81 -15.81 -18.70
C THR B 44 -18.57 -16.24 -17.43
N TYR B 45 -19.44 -17.26 -17.52
CA TYR B 45 -20.26 -17.76 -16.38
C TYR B 45 -19.73 -19.13 -15.97
N LEU B 46 -19.71 -19.50 -14.68
CA LEU B 46 -19.31 -20.89 -14.24
C LEU B 46 -20.41 -21.61 -13.52
N THR B 47 -20.71 -22.87 -13.89
CA THR B 47 -21.39 -23.75 -12.92
C THR B 47 -20.68 -25.03 -12.82
N ALA B 48 -20.82 -25.66 -11.67
CA ALA B 48 -20.50 -27.05 -11.51
C ALA B 48 -21.74 -27.81 -11.96
N VAL B 49 -21.49 -28.92 -12.64
CA VAL B 49 -22.55 -29.79 -13.16
C VAL B 49 -22.29 -31.23 -12.72
N GLU B 50 -23.30 -31.74 -12.01
CA GLU B 50 -23.39 -33.10 -11.56
C GLU B 50 -23.47 -34.08 -12.75
N ASN B 51 -22.72 -35.19 -12.63
CA ASN B 51 -22.73 -36.29 -13.62
C ASN B 51 -22.13 -35.90 -14.96
N GLU B 52 -21.88 -34.61 -15.17
CA GLU B 52 -21.19 -34.19 -16.40
C GLU B 52 -19.67 -34.04 -16.27
N GLY B 53 -19.09 -34.47 -15.17
CA GLY B 53 -17.66 -34.30 -15.00
C GLY B 53 -16.95 -35.52 -15.52
N ASN B 54 -15.64 -35.47 -15.61
CA ASN B 54 -14.86 -36.64 -15.94
C ASN B 54 -15.22 -37.87 -15.08
N ASN B 55 -15.35 -39.04 -15.74
CA ASN B 55 -15.92 -40.30 -15.16
C ASN B 55 -17.28 -40.12 -14.51
N GLY B 56 -18.14 -39.32 -15.15
CA GLY B 56 -19.52 -39.13 -14.68
C GLY B 56 -19.71 -38.59 -13.26
N THR B 57 -18.61 -38.12 -12.67
CA THR B 57 -18.64 -37.33 -11.43
C THR B 57 -19.16 -35.91 -11.76
N ARG B 58 -18.91 -34.99 -10.81
CA ARG B 58 -19.20 -33.56 -10.97
C ARG B 58 -18.04 -32.82 -11.57
N GLY B 59 -18.35 -31.91 -12.48
CA GLY B 59 -17.32 -31.08 -13.09
C GLY B 59 -17.66 -29.61 -13.38
N MSE B 60 -16.66 -28.92 -13.88
CA MSE B 60 -16.70 -27.48 -14.00
C MSE B 60 -16.97 -27.04 -15.43
O MSE B 60 -16.14 -27.22 -16.33
CB MSE B 60 -15.37 -26.91 -13.43
CG MSE B 60 -15.43 -25.46 -12.81
SE MSE B 60 -17.06 -25.08 -11.76
CE MSE B 60 -16.91 -26.53 -10.47
N MSE B 61 -18.12 -26.45 -15.64
CA MSE B 61 -18.48 -26.02 -16.97
C MSE B 61 -18.23 -24.53 -17.21
O MSE B 61 -18.77 -23.67 -16.48
CB MSE B 61 -19.96 -26.36 -17.21
CG MSE B 61 -20.39 -26.34 -18.67
SE MSE B 61 -22.28 -26.87 -18.88
CE MSE B 61 -22.24 -26.49 -20.80
N VAL B 62 -17.47 -24.21 -18.23
CA VAL B 62 -17.15 -22.80 -18.57
C VAL B 62 -18.00 -22.37 -19.75
N ILE B 63 -18.79 -21.30 -19.61
CA ILE B 63 -19.79 -20.98 -20.63
C ILE B 63 -19.91 -19.46 -20.85
N ASN B 64 -20.76 -19.03 -21.80
CA ASN B 64 -20.77 -17.64 -22.25
C ASN B 64 -19.37 -16.95 -22.37
N ARG B 65 -18.33 -17.67 -22.81
CA ARG B 65 -17.07 -17.01 -23.14
C ARG B 65 -17.34 -15.91 -24.16
N SER B 66 -16.28 -15.23 -24.64
CA SER B 66 -16.48 -13.97 -25.37
C SER B 66 -15.26 -13.59 -26.14
N SER B 67 -14.19 -14.35 -26.00
CA SER B 67 -12.95 -13.99 -26.63
C SER B 67 -11.97 -15.13 -26.37
N ALA B 68 -11.05 -15.36 -27.30
CA ALA B 68 -10.11 -16.51 -27.22
C ALA B 68 -9.37 -16.70 -25.88
N SER B 69 -9.60 -15.78 -24.95
CA SER B 69 -8.71 -15.57 -23.78
C SER B 69 -9.52 -15.26 -22.51
N ASP B 70 -10.82 -14.97 -22.68
CA ASP B 70 -11.84 -15.35 -21.72
C ASP B 70 -11.70 -16.87 -21.44
N GLY B 71 -12.12 -17.36 -20.27
CA GLY B 71 -11.82 -18.76 -19.82
C GLY B 71 -12.10 -19.08 -18.35
N ALA B 72 -11.14 -19.72 -17.66
CA ALA B 72 -11.20 -19.97 -16.21
C ALA B 72 -9.82 -20.03 -15.53
N TYR B 73 -9.72 -19.52 -14.30
CA TYR B 73 -8.43 -19.53 -13.57
C TYR B 73 -8.57 -19.90 -12.08
N SER B 74 -7.48 -20.35 -11.49
CA SER B 74 -7.47 -20.48 -10.05
C SER B 74 -6.15 -20.00 -9.49
N GLU B 75 -6.23 -19.08 -8.51
CA GLU B 75 -5.01 -18.58 -7.89
C GLU B 75 -4.48 -19.63 -6.90
N LYS B 76 -3.25 -20.11 -7.11
CA LYS B 76 -2.86 -21.28 -6.35
C LYS B 76 -1.55 -21.07 -5.65
N GLY B 77 -1.43 -19.86 -5.10
CA GLY B 77 -0.18 -19.42 -4.48
C GLY B 77 0.20 -20.02 -3.13
N PHE B 78 -0.79 -20.45 -2.34
CA PHE B 78 -0.49 -21.14 -1.11
C PHE B 78 0.32 -22.40 -1.31
N TYR B 79 0.21 -22.96 -2.52
CA TYR B 79 0.58 -24.33 -2.77
C TYR B 79 1.73 -24.44 -3.71
N LEU B 80 1.94 -23.39 -4.51
CA LEU B 80 3.08 -23.38 -5.43
C LEU B 80 4.13 -22.32 -5.14
N ASP B 81 5.38 -22.69 -5.43
CA ASP B 81 6.52 -21.84 -5.10
C ASP B 81 7.22 -21.25 -6.34
N GLY B 82 7.88 -20.09 -6.19
CA GLY B 82 8.84 -19.66 -7.20
C GLY B 82 9.93 -20.73 -7.35
N GLY B 83 10.39 -20.97 -8.57
CA GLY B 83 11.52 -21.87 -8.78
C GLY B 83 11.42 -23.31 -8.30
N VAL B 84 10.18 -23.83 -8.21
CA VAL B 84 9.95 -25.30 -8.13
C VAL B 84 9.26 -25.77 -9.41
N GLU B 85 9.81 -26.85 -10.01
CA GLU B 85 9.23 -27.47 -11.21
C GLU B 85 7.98 -28.29 -10.82
N TYR B 86 6.83 -27.90 -11.36
CA TYR B 86 5.54 -28.57 -11.08
C TYR B 86 4.85 -29.20 -12.33
N LYS B 87 4.38 -30.45 -12.26
CA LYS B 87 3.60 -31.02 -13.38
C LYS B 87 2.14 -30.66 -13.29
N TYR B 88 1.58 -30.13 -14.35
CA TYR B 88 0.19 -29.68 -14.34
C TYR B 88 -0.76 -30.49 -15.24
N SER B 89 -1.77 -31.17 -14.70
CA SER B 89 -2.75 -31.88 -15.55
C SER B 89 -4.20 -31.40 -15.36
N VAL B 90 -4.96 -31.42 -16.43
CA VAL B 90 -6.41 -31.11 -16.38
C VAL B 90 -7.20 -31.90 -17.43
N PHE B 91 -8.32 -32.52 -17.05
CA PHE B 91 -9.10 -33.19 -18.06
C PHE B 91 -10.11 -32.22 -18.63
N VAL B 92 -10.11 -32.06 -19.95
CA VAL B 92 -11.05 -31.14 -20.64
C VAL B 92 -12.05 -31.86 -21.60
N LYS B 93 -13.12 -31.20 -22.04
CA LYS B 93 -14.08 -31.84 -22.93
C LYS B 93 -15.00 -30.83 -23.57
N HIS B 94 -15.36 -31.00 -24.84
CA HIS B 94 -16.40 -30.14 -25.46
C HIS B 94 -17.36 -30.83 -26.41
N ASN B 95 -18.36 -30.07 -26.82
CA ASN B 95 -19.31 -30.52 -27.80
C ASN B 95 -19.36 -29.46 -28.90
N GLY B 96 -18.20 -29.20 -29.49
CA GLY B 96 -18.09 -28.17 -30.49
C GLY B 96 -18.04 -28.68 -31.92
N THR B 97 -18.25 -27.72 -32.82
CA THR B 97 -17.98 -27.89 -34.25
C THR B 97 -16.46 -27.96 -34.40
N GLY B 98 -15.98 -29.02 -35.03
CA GLY B 98 -14.55 -29.20 -35.29
C GLY B 98 -13.82 -29.72 -34.07
N THR B 99 -12.50 -29.83 -34.18
CA THR B 99 -11.67 -29.99 -32.98
C THR B 99 -11.23 -28.60 -32.48
N GLU B 100 -11.17 -28.41 -31.15
CA GLU B 100 -10.74 -27.16 -30.50
C GLU B 100 -9.32 -27.26 -29.94
N THR B 101 -8.64 -26.11 -29.84
CA THR B 101 -7.32 -26.05 -29.18
C THR B 101 -7.32 -25.49 -27.75
N PHE B 102 -6.84 -26.33 -26.84
CA PHE B 102 -6.82 -25.97 -25.45
C PHE B 102 -5.45 -25.44 -25.01
N LYS B 103 -5.52 -24.38 -24.20
CA LYS B 103 -4.34 -23.67 -23.73
C LYS B 103 -4.34 -23.59 -22.21
N LEU B 104 -3.29 -24.19 -21.68
CA LEU B 104 -2.93 -24.13 -20.28
C LEU B 104 -1.97 -22.97 -20.00
N SER B 105 -2.55 -21.91 -19.40
CA SER B 105 -1.78 -20.74 -18.91
C SER B 105 -1.48 -20.67 -17.37
N VAL B 106 -0.20 -20.40 -17.08
CA VAL B 106 0.34 -20.02 -15.77
C VAL B 106 0.73 -18.54 -15.75
N SER B 107 -0.18 -17.65 -15.34
CA SER B 107 0.27 -16.30 -15.06
C SER B 107 1.06 -16.26 -13.74
N TYR B 108 1.64 -15.10 -13.41
CA TYR B 108 2.10 -14.86 -12.06
C TYR B 108 2.35 -13.41 -11.66
N LEU B 109 3.52 -13.16 -11.09
CA LEU B 109 3.90 -11.88 -10.46
C LEU B 109 5.30 -11.99 -9.91
N ASP B 110 6.08 -10.95 -10.18
CA ASP B 110 7.50 -11.00 -9.86
C ASP B 110 7.89 -10.13 -8.68
N SER B 111 8.55 -10.75 -7.69
CA SER B 111 8.97 -10.06 -6.45
C SER B 111 10.00 -8.98 -6.72
N GLU B 112 11.20 -9.40 -7.17
CA GLU B 112 12.22 -8.49 -7.71
C GLU B 112 11.62 -7.50 -8.70
N THR B 113 11.42 -7.93 -9.95
CA THR B 113 11.07 -6.99 -11.04
C THR B 113 9.64 -6.37 -11.01
N GLU B 114 8.89 -6.61 -9.93
CA GLU B 114 7.55 -6.01 -9.72
C GLU B 114 6.50 -6.13 -10.86
N GLU B 115 6.91 -6.77 -11.96
CA GLU B 115 6.10 -6.92 -13.18
C GLU B 115 5.54 -8.34 -13.35
N GLU B 116 4.29 -8.40 -13.85
CA GLU B 116 3.53 -9.63 -14.11
C GLU B 116 4.23 -10.64 -15.01
N ASN B 117 3.46 -11.50 -15.64
CA ASN B 117 4.02 -12.49 -16.53
C ASN B 117 2.90 -13.31 -17.20
N LYS B 118 3.31 -14.25 -18.07
CA LYS B 118 2.44 -15.29 -18.64
C LYS B 118 3.28 -16.33 -19.30
N GLU B 119 2.67 -17.47 -19.54
CA GLU B 119 3.17 -18.40 -20.53
C GLU B 119 2.01 -19.33 -20.99
N VAL B 120 2.10 -19.81 -22.21
CA VAL B 120 1.37 -20.98 -22.56
C VAL B 120 2.40 -22.04 -22.33
N ILE B 121 2.02 -23.02 -21.52
CA ILE B 121 2.92 -24.04 -21.05
C ILE B 121 2.49 -25.40 -21.57
N ALA B 122 1.32 -25.41 -22.23
CA ALA B 122 0.72 -26.59 -22.86
C ALA B 122 -0.38 -26.22 -23.86
N THR B 123 -0.16 -26.59 -25.12
CA THR B 123 -1.16 -26.47 -26.18
C THR B 123 -1.50 -27.87 -26.66
N LYS B 124 -2.82 -28.14 -26.76
CA LYS B 124 -3.43 -29.44 -27.17
C LYS B 124 -4.75 -29.17 -27.91
N ASP B 125 -4.95 -29.93 -29.01
CA ASP B 125 -6.22 -30.00 -29.76
C ASP B 125 -7.07 -31.12 -29.22
N VAL B 126 -8.37 -30.88 -29.18
CA VAL B 126 -9.23 -31.84 -28.53
C VAL B 126 -10.44 -32.03 -29.41
N VAL B 127 -10.79 -33.30 -29.60
CA VAL B 127 -11.92 -33.71 -30.47
C VAL B 127 -13.22 -33.71 -29.69
N ALA B 128 -14.30 -33.20 -30.29
CA ALA B 128 -15.63 -33.16 -29.64
C ALA B 128 -15.94 -34.46 -28.85
N GLY B 129 -16.93 -34.41 -27.94
CA GLY B 129 -17.29 -35.58 -27.10
C GLY B 129 -16.25 -36.38 -26.32
N GLU B 130 -14.97 -36.09 -26.49
CA GLU B 130 -13.96 -36.89 -25.80
C GLU B 130 -13.33 -36.21 -24.59
N TRP B 131 -13.24 -36.93 -23.47
CA TRP B 131 -12.47 -36.49 -22.31
C TRP B 131 -10.96 -36.69 -22.54
N THR B 132 -10.27 -35.60 -22.87
CA THR B 132 -8.80 -35.53 -23.07
C THR B 132 -8.03 -34.91 -21.87
N GLU B 133 -6.87 -35.48 -21.55
CA GLU B 133 -5.96 -34.93 -20.52
C GLU B 133 -4.85 -34.04 -21.09
N ILE B 134 -5.01 -32.71 -20.99
CA ILE B 134 -3.96 -31.72 -21.35
C ILE B 134 -2.97 -31.63 -20.21
N SER B 135 -1.71 -31.27 -20.49
CA SER B 135 -0.63 -31.54 -19.54
C SER B 135 0.75 -31.03 -20.00
N ALA B 136 1.62 -30.64 -19.04
CA ALA B 136 3.04 -30.16 -19.26
C ALA B 136 3.79 -29.81 -17.96
N LYS B 137 5.06 -30.25 -17.82
CA LYS B 137 6.01 -29.77 -16.76
C LYS B 137 6.37 -28.28 -16.93
N TYR B 138 6.81 -27.64 -15.83
CA TYR B 138 7.06 -26.18 -15.76
C TYR B 138 7.73 -25.73 -14.45
N LYS B 139 8.33 -24.54 -14.46
CA LYS B 139 8.83 -23.91 -13.24
C LYS B 139 8.78 -22.41 -13.43
N ALA B 140 8.19 -21.73 -12.46
CA ALA B 140 8.31 -20.28 -12.43
C ALA B 140 9.74 -20.03 -11.98
N PRO B 141 10.25 -18.79 -12.15
CA PRO B 141 11.59 -18.68 -11.56
C PRO B 141 11.48 -18.27 -10.07
N LYS B 142 12.62 -18.42 -9.36
CA LYS B 142 12.78 -18.21 -7.89
C LYS B 142 11.98 -17.10 -7.25
N THR B 143 11.70 -16.08 -8.03
CA THR B 143 11.27 -14.81 -7.52
C THR B 143 9.80 -14.56 -7.88
N ALA B 144 9.09 -15.63 -8.18
CA ALA B 144 7.74 -15.49 -8.69
C ALA B 144 6.72 -15.91 -7.67
N VAL B 145 5.58 -15.25 -7.65
CA VAL B 145 4.64 -15.48 -6.57
C VAL B 145 3.21 -15.31 -7.05
N ASN B 146 2.23 -15.78 -6.29
CA ASN B 146 0.81 -15.85 -6.76
C ASN B 146 0.62 -16.51 -8.10
N ILE B 147 1.25 -17.66 -8.21
CA ILE B 147 1.19 -18.49 -9.34
C ILE B 147 -0.25 -18.89 -9.58
N THR B 148 -0.83 -18.33 -10.63
CA THR B 148 -2.22 -18.61 -11.04
C THR B 148 -2.29 -19.61 -12.23
N LEU B 149 -3.38 -20.37 -12.33
CA LEU B 149 -3.56 -21.28 -13.48
C LEU B 149 -4.88 -21.06 -14.19
N SER B 150 -4.79 -21.16 -15.50
CA SER B 150 -5.90 -20.80 -16.38
C SER B 150 -6.06 -21.68 -17.64
N ILE B 151 -7.30 -21.70 -18.11
CA ILE B 151 -7.71 -22.62 -19.11
C ILE B 151 -8.56 -21.87 -20.12
N THR B 152 -8.01 -21.84 -21.34
CA THR B 152 -8.74 -21.32 -22.50
C THR B 152 -8.56 -22.21 -23.76
N THR B 153 -9.44 -21.95 -24.73
CA THR B 153 -9.33 -22.55 -26.04
C THR B 153 -8.96 -21.47 -27.02
N ASP B 154 -8.45 -21.88 -28.18
CA ASP B 154 -8.32 -20.95 -29.29
C ASP B 154 -9.63 -20.53 -29.93
N SER B 155 -10.71 -20.41 -29.13
CA SER B 155 -12.05 -20.19 -29.68
C SER B 155 -12.96 -19.43 -28.73
N THR B 156 -14.26 -19.68 -28.82
CA THR B 156 -15.18 -18.93 -28.03
C THR B 156 -16.22 -19.95 -27.50
N VAL B 157 -15.74 -21.17 -27.42
CA VAL B 157 -16.58 -22.34 -27.27
C VAL B 157 -16.72 -22.65 -25.78
N ASP B 158 -17.93 -23.03 -25.34
CA ASP B 158 -18.09 -23.72 -24.02
C ASP B 158 -17.20 -24.95 -23.92
N PHE B 159 -16.79 -25.28 -22.69
CA PHE B 159 -16.01 -26.49 -22.43
C PHE B 159 -16.14 -26.86 -20.97
N ILE B 160 -15.59 -28.00 -20.55
CA ILE B 160 -15.84 -28.50 -19.21
C ILE B 160 -14.55 -29.06 -18.72
N PHE B 161 -14.28 -28.86 -17.43
CA PHE B 161 -13.07 -29.49 -16.91
C PHE B 161 -13.27 -30.11 -15.55
N ASP B 162 -12.27 -30.88 -15.14
CA ASP B 162 -12.36 -31.67 -13.91
C ASP B 162 -10.99 -32.16 -13.69
N ASP B 163 -10.73 -32.63 -12.49
CA ASP B 163 -9.47 -33.29 -12.15
C ASP B 163 -8.19 -32.51 -12.47
N VAL B 164 -8.08 -31.34 -11.83
CA VAL B 164 -6.86 -30.52 -11.80
C VAL B 164 -5.85 -31.11 -10.81
N THR B 165 -4.62 -31.34 -11.29
CA THR B 165 -3.63 -32.07 -10.48
C THR B 165 -2.22 -31.55 -10.68
N ILE B 166 -1.65 -30.96 -9.62
CA ILE B 166 -0.31 -30.41 -9.68
C ILE B 166 0.64 -31.14 -8.73
N THR B 167 1.85 -31.42 -9.23
CA THR B 167 2.72 -32.42 -8.62
C THR B 167 4.22 -32.09 -8.61
N ARG B 168 4.92 -32.54 -7.56
CA ARG B 168 6.34 -32.23 -7.40
C ARG B 168 7.20 -33.45 -7.00
N LYS B 169 8.47 -33.40 -7.39
CA LYS B 169 9.47 -34.42 -7.02
C LYS B 169 9.65 -34.57 -5.48
N GLY B 170 9.58 -35.81 -4.98
CA GLY B 170 9.86 -36.14 -3.56
C GLY B 170 8.78 -35.96 -2.46
N MSE B 171 8.00 -36.88 -2.16
N ASN B 175 -5.52 -42.06 19.15
CA ASN B 175 -6.11 -40.87 19.84
C ASN B 175 -7.28 -41.22 20.83
N THR B 176 -6.96 -41.39 22.14
CA THR B 176 -7.92 -41.42 23.30
C THR B 176 -7.38 -40.72 24.61
N VAL B 177 -7.92 -39.56 25.09
CA VAL B 177 -9.08 -38.77 24.54
C VAL B 177 -8.66 -37.81 23.41
N TYR B 178 -8.52 -36.52 23.72
CA TYR B 178 -7.91 -35.55 22.76
C TYR B 178 -6.74 -34.75 23.40
N ALA B 179 -5.57 -34.81 22.76
CA ALA B 179 -4.40 -34.07 23.24
C ALA B 179 -4.32 -32.67 22.64
N ALA B 180 -4.85 -31.71 23.38
CA ALA B 180 -4.78 -30.30 22.98
C ALA B 180 -3.31 -29.81 22.93
N ASN B 181 -3.02 -28.93 21.97
CA ASN B 181 -1.73 -28.24 21.89
C ASN B 181 -1.74 -26.86 22.53
N ALA B 182 -0.52 -26.35 22.72
CA ALA B 182 -0.26 -25.02 23.22
C ALA B 182 -0.41 -23.99 22.06
N VAL B 183 -1.53 -24.05 21.37
CA VAL B 183 -1.86 -23.10 20.32
C VAL B 183 -3.13 -22.38 20.72
N LEU B 184 -3.25 -21.15 20.22
CA LEU B 184 -4.42 -20.31 20.45
C LEU B 184 -5.75 -21.02 20.28
N LYS B 185 -6.05 -21.59 19.11
CA LYS B 185 -7.43 -22.20 18.90
C LYS B 185 -7.74 -23.27 19.95
N ASP B 186 -6.68 -24.03 20.33
CA ASP B 186 -6.90 -25.11 21.30
C ASP B 186 -7.06 -24.57 22.70
N MSE B 187 -6.03 -23.83 23.16
CA MSE B 187 -6.07 -23.14 24.42
C MSE B 187 -7.40 -22.44 24.71
O MSE B 187 -7.89 -22.52 25.83
CB MSE B 187 -4.96 -22.17 24.47
CG MSE B 187 -3.74 -22.74 25.11
SE MSE B 187 -2.18 -21.60 24.82
CE MSE B 187 -1.03 -21.96 26.40
N TYR B 188 -8.01 -21.81 23.71
CA TYR B 188 -9.21 -21.01 23.94
C TYR B 188 -10.50 -21.71 23.48
N ALA B 189 -10.38 -23.00 23.14
CA ALA B 189 -11.49 -23.77 22.55
C ALA B 189 -12.78 -23.79 23.34
N ASN B 190 -12.69 -23.64 24.64
CA ASN B 190 -13.91 -23.63 25.46
C ASN B 190 -14.40 -22.24 25.77
N TYR B 191 -13.85 -21.28 25.04
CA TYR B 191 -14.15 -19.86 25.29
C TYR B 191 -14.70 -19.15 24.07
N PHE B 192 -13.93 -19.20 22.99
CA PHE B 192 -14.28 -18.52 21.78
C PHE B 192 -13.30 -18.88 20.69
N ARG B 193 -13.70 -18.61 19.45
CA ARG B 193 -12.86 -18.91 18.33
C ARG B 193 -11.81 -17.86 18.45
N VAL B 194 -10.64 -18.14 17.88
CA VAL B 194 -9.52 -17.22 17.93
C VAL B 194 -9.04 -17.14 16.51
N GLY B 195 -9.01 -15.90 16.01
CA GLY B 195 -9.01 -15.68 14.60
C GLY B 195 -7.99 -14.72 14.08
N SER B 196 -7.90 -14.67 12.78
CA SER B 196 -7.00 -13.73 12.19
C SER B 196 -7.55 -13.25 10.84
N VAL B 197 -6.69 -12.53 10.11
CA VAL B 197 -7.00 -11.93 8.79
C VAL B 197 -6.13 -12.52 7.67
N LEU B 198 -6.71 -12.85 6.53
CA LEU B 198 -5.88 -13.11 5.33
C LEU B 198 -6.21 -12.09 4.17
N ASN B 199 -5.26 -11.89 3.24
CA ASN B 199 -5.62 -11.17 2.00
C ASN B 199 -4.96 -11.69 0.72
N SER B 200 -5.40 -11.11 -0.41
CA SER B 200 -4.87 -11.52 -1.73
C SER B 200 -3.35 -11.61 -1.72
N GLY B 201 -2.67 -10.75 -0.94
CA GLY B 201 -1.24 -10.90 -0.71
C GLY B 201 -0.74 -12.05 0.17
N THR B 202 -1.25 -12.15 1.40
CA THR B 202 -0.66 -13.07 2.40
C THR B 202 -1.01 -14.50 2.10
N VAL B 203 -2.11 -14.67 1.37
CA VAL B 203 -2.57 -15.98 0.88
C VAL B 203 -1.57 -16.71 -0.07
N ASN B 204 -0.30 -16.25 -0.13
CA ASN B 204 0.71 -16.80 -1.04
C ASN B 204 1.98 -17.05 -0.30
N ASN B 205 1.90 -16.89 1.00
CA ASN B 205 3.07 -17.13 1.78
C ASN B 205 2.98 -18.52 2.40
N SER B 206 4.04 -19.33 2.22
CA SER B 206 4.23 -20.64 2.86
C SER B 206 4.03 -20.66 4.38
N SER B 207 4.72 -19.75 5.05
CA SER B 207 4.87 -19.81 6.50
C SER B 207 3.63 -19.24 7.13
N ILE B 208 3.02 -18.27 6.44
CA ILE B 208 1.81 -17.77 6.97
C ILE B 208 0.79 -18.94 6.98
N LYS B 209 0.80 -19.75 5.91
CA LYS B 209 -0.10 -20.89 5.84
C LYS B 209 0.14 -21.77 7.05
N ALA B 210 1.40 -22.05 7.33
CA ALA B 210 1.71 -22.91 8.45
C ALA B 210 1.17 -22.29 9.75
N LEU B 211 1.53 -21.03 9.98
CA LEU B 211 0.99 -20.29 11.12
C LEU B 211 -0.57 -20.32 11.22
N ILE B 212 -1.29 -19.97 10.17
CA ILE B 212 -2.74 -20.01 10.29
C ILE B 212 -3.24 -21.38 10.76
N LEU B 213 -2.63 -22.42 10.21
CA LEU B 213 -3.15 -23.78 10.42
C LEU B 213 -2.87 -24.18 11.84
N ARG B 214 -1.64 -23.93 12.30
CA ARG B 214 -1.28 -24.16 13.68
C ARG B 214 -2.17 -23.41 14.68
N GLU B 215 -2.30 -22.09 14.53
CA GLU B 215 -2.84 -21.26 15.60
C GLU B 215 -4.29 -20.83 15.49
N PHE B 216 -4.86 -20.64 14.30
CA PHE B 216 -6.21 -19.99 14.24
C PHE B 216 -7.35 -20.81 13.71
N ASN B 217 -8.54 -20.62 14.25
CA ASN B 217 -9.69 -21.29 13.69
C ASN B 217 -10.80 -20.35 13.22
N SER B 218 -10.41 -19.10 12.88
CA SER B 218 -11.31 -18.09 12.28
C SER B 218 -10.50 -17.22 11.38
N ILE B 219 -11.02 -16.90 10.20
CA ILE B 219 -10.37 -15.99 9.25
C ILE B 219 -11.40 -14.98 8.75
N THR B 220 -10.94 -13.72 8.62
CA THR B 220 -11.75 -12.72 7.93
C THR B 220 -10.91 -12.26 6.76
N CYS B 221 -11.61 -11.86 5.69
CA CYS B 221 -10.90 -11.33 4.51
C CYS B 221 -10.57 -9.86 4.67
N GLU B 222 -9.30 -9.46 4.61
CA GLU B 222 -8.97 -8.07 4.91
C GLU B 222 -9.84 -7.16 4.02
N ASN B 223 -9.95 -7.53 2.75
CA ASN B 223 -10.49 -6.58 1.80
C ASN B 223 -11.43 -7.24 0.84
N GLU B 224 -11.11 -8.54 0.62
CA GLU B 224 -11.60 -9.35 -0.50
C GLU B 224 -13.07 -9.63 -0.45
N MSE B 225 -13.74 -9.28 0.64
CA MSE B 225 -15.16 -9.41 0.62
C MSE B 225 -15.93 -8.13 0.88
O MSE B 225 -17.10 -8.19 1.32
CB MSE B 225 -15.63 -10.50 1.58
CG MSE B 225 -15.19 -11.92 1.11
SE MSE B 225 -15.61 -13.34 2.38
CE MSE B 225 -17.65 -13.16 2.32
N LYS B 226 -15.31 -6.98 0.59
CA LYS B 226 -15.94 -5.68 0.74
C LYS B 226 -16.74 -5.36 -0.50
N PRO B 227 -17.69 -4.44 -0.40
CA PRO B 227 -18.49 -4.35 -1.63
C PRO B 227 -17.75 -3.97 -2.87
N ASP B 228 -16.63 -3.28 -2.74
CA ASP B 228 -15.95 -2.90 -3.94
C ASP B 228 -15.15 -4.06 -4.53
N ALA B 229 -14.73 -5.01 -3.69
CA ALA B 229 -14.13 -6.28 -4.17
C ALA B 229 -15.22 -7.29 -4.62
N THR B 230 -16.48 -7.02 -4.36
CA THR B 230 -17.44 -8.01 -4.73
C THR B 230 -18.54 -7.60 -5.69
N LEU B 231 -18.82 -6.32 -5.81
CA LEU B 231 -19.82 -5.89 -6.80
C LEU B 231 -19.29 -6.03 -8.23
N VAL B 232 -20.24 -6.26 -9.13
CA VAL B 232 -19.95 -6.22 -10.56
C VAL B 232 -20.96 -5.31 -11.26
N GLN B 233 -20.38 -4.25 -11.84
CA GLN B 233 -21.08 -3.19 -12.55
C GLN B 233 -21.81 -3.72 -13.78
N SER B 234 -21.06 -4.34 -14.69
CA SER B 234 -21.54 -4.77 -15.98
C SER B 234 -22.68 -5.76 -15.85
N GLY B 235 -23.84 -5.40 -16.36
CA GLY B 235 -24.94 -6.29 -16.27
C GLY B 235 -25.68 -6.25 -14.98
N SER B 236 -25.33 -5.31 -14.11
CA SER B 236 -26.17 -5.19 -12.93
C SER B 236 -27.55 -4.50 -13.14
N THR B 237 -28.50 -4.82 -12.28
CA THR B 237 -29.83 -4.19 -12.36
C THR B 237 -30.46 -4.01 -10.96
N ASN B 238 -31.42 -3.11 -10.87
CA ASN B 238 -31.91 -2.74 -9.55
C ASN B 238 -32.48 -3.94 -8.81
N THR B 239 -32.69 -5.05 -9.49
CA THR B 239 -33.17 -6.25 -8.78
C THR B 239 -32.26 -7.44 -9.03
N ASN B 240 -31.23 -7.24 -9.83
CA ASN B 240 -30.20 -8.21 -9.86
C ASN B 240 -28.78 -7.65 -9.71
N ILE B 241 -28.19 -7.74 -8.53
CA ILE B 241 -26.84 -7.18 -8.45
C ILE B 241 -25.69 -8.17 -8.72
N ARG B 242 -24.96 -7.97 -9.78
CA ARG B 242 -23.91 -8.95 -10.06
C ARG B 242 -22.78 -8.89 -9.03
N VAL B 243 -22.59 -10.00 -8.33
CA VAL B 243 -21.58 -10.13 -7.27
C VAL B 243 -20.43 -11.08 -7.70
N SER B 244 -19.29 -11.07 -7.06
CA SER B 244 -18.24 -12.00 -7.47
C SER B 244 -17.24 -12.31 -6.37
N LEU B 245 -17.06 -13.61 -6.10
CA LEU B 245 -16.12 -14.05 -5.10
C LEU B 245 -14.70 -14.22 -5.65
N ASN B 246 -14.42 -13.80 -6.86
CA ASN B 246 -13.14 -14.17 -7.35
C ASN B 246 -11.94 -13.78 -6.47
N ARG B 247 -12.06 -12.59 -5.87
CA ARG B 247 -10.95 -11.98 -5.12
C ARG B 247 -10.84 -12.76 -3.82
N ALA B 248 -11.96 -13.29 -3.33
CA ALA B 248 -12.02 -14.03 -2.06
C ALA B 248 -11.73 -15.51 -2.19
N ALA B 249 -11.53 -15.95 -3.45
CA ALA B 249 -11.65 -17.38 -3.80
C ALA B 249 -10.55 -18.21 -3.21
N SER B 250 -9.29 -17.83 -3.39
CA SER B 250 -8.30 -18.68 -2.74
C SER B 250 -8.46 -18.66 -1.22
N ILE B 251 -8.85 -17.52 -0.66
CA ILE B 251 -9.09 -17.46 0.79
C ILE B 251 -10.23 -18.39 1.15
N LEU B 252 -11.39 -18.29 0.52
CA LEU B 252 -12.53 -19.12 0.92
C LEU B 252 -12.24 -20.62 0.79
N ASN B 253 -11.49 -20.97 -0.26
CA ASN B 253 -11.06 -22.34 -0.53
C ASN B 253 -10.30 -22.87 0.63
N PHE B 254 -9.12 -22.30 0.88
CA PHE B 254 -8.26 -22.77 1.92
C PHE B 254 -9.01 -22.93 3.22
N CYS B 255 -9.94 -22.05 3.48
CA CYS B 255 -10.66 -22.19 4.74
C CYS B 255 -11.65 -23.34 4.75
N ALA B 256 -12.23 -23.63 3.60
CA ALA B 256 -13.22 -24.67 3.54
C ALA B 256 -12.43 -25.97 3.61
N GLN B 257 -11.39 -26.10 2.80
CA GLN B 257 -10.54 -27.26 2.89
C GLN B 257 -10.04 -27.57 4.27
N ASN B 258 -9.63 -26.59 5.07
CA ASN B 258 -9.01 -26.93 6.36
C ASN B 258 -9.87 -26.68 7.55
N ASN B 259 -11.16 -26.63 7.31
CA ASN B 259 -12.09 -26.56 8.39
C ASN B 259 -11.87 -25.35 9.34
N ILE B 260 -11.70 -24.19 8.74
CA ILE B 260 -11.46 -22.94 9.45
C ILE B 260 -12.71 -22.13 9.24
N ALA B 261 -13.23 -21.49 10.27
CA ALA B 261 -14.50 -20.83 10.03
C ALA B 261 -14.24 -19.39 9.52
N VAL B 262 -15.21 -18.76 8.85
CA VAL B 262 -14.90 -17.50 8.20
C VAL B 262 -15.90 -16.47 8.64
N ARG B 263 -15.44 -15.25 8.97
CA ARG B 263 -16.36 -14.12 9.27
C ARG B 263 -16.62 -13.30 7.99
N GLY B 264 -17.89 -13.05 7.71
CA GLY B 264 -18.21 -12.34 6.50
C GLY B 264 -18.01 -10.84 6.73
N HIS B 265 -17.09 -10.24 5.98
CA HIS B 265 -16.84 -8.81 6.16
C HIS B 265 -16.75 -7.98 4.86
N THR B 266 -17.71 -7.11 4.54
CA THR B 266 -18.88 -6.75 5.33
C THR B 266 -19.91 -6.31 4.27
N LEU B 267 -21.20 -6.36 4.56
CA LEU B 267 -22.22 -6.11 3.57
C LEU B 267 -22.48 -4.63 3.30
N VAL B 268 -22.80 -3.83 4.33
CA VAL B 268 -22.98 -2.36 4.19
C VAL B 268 -21.89 -1.55 4.88
N TRP B 269 -21.32 -0.56 4.24
CA TRP B 269 -20.18 0.25 4.82
C TRP B 269 -20.06 1.53 4.00
N HIS B 270 -19.76 2.64 4.67
CA HIS B 270 -19.75 3.91 3.94
C HIS B 270 -18.49 3.95 3.09
N SER B 271 -17.48 3.20 3.45
CA SER B 271 -16.23 3.27 2.73
C SER B 271 -16.03 2.02 1.89
N GLN B 272 -15.03 2.05 0.98
CA GLN B 272 -14.70 0.92 0.08
C GLN B 272 -15.93 0.24 -0.63
N THR B 273 -16.97 1.01 -0.90
CA THR B 273 -18.06 0.58 -1.74
C THR B 273 -17.93 1.49 -2.96
N PRO B 274 -18.13 0.98 -4.18
CA PRO B 274 -18.03 1.94 -5.30
C PRO B 274 -19.22 2.93 -5.40
N GLN B 275 -19.01 4.04 -6.12
CA GLN B 275 -20.05 5.06 -6.19
C GLN B 275 -21.22 4.63 -7.04
N TRP B 276 -20.88 4.02 -8.17
CA TRP B 276 -21.87 3.65 -9.16
C TRP B 276 -23.06 2.95 -8.56
N PHE B 277 -22.83 2.27 -7.44
CA PHE B 277 -23.85 1.43 -6.81
C PHE B 277 -25.04 2.28 -6.31
N PHE B 278 -24.81 3.59 -6.27
CA PHE B 278 -25.79 4.53 -5.70
C PHE B 278 -26.44 5.43 -6.78
N LYS B 279 -25.85 5.39 -7.97
CA LYS B 279 -26.34 6.19 -9.10
C LYS B 279 -27.31 5.48 -10.09
N ASP B 280 -28.34 6.19 -10.55
CA ASP B 280 -29.54 5.57 -11.20
C ASP B 280 -29.23 4.75 -12.45
N ASN B 281 -28.06 5.01 -13.01
CA ASN B 281 -27.69 4.45 -14.30
C ASN B 281 -26.38 3.64 -14.20
N PHE B 282 -26.04 3.25 -12.97
CA PHE B 282 -24.86 2.43 -12.67
C PHE B 282 -23.62 3.03 -13.23
N GLN B 283 -23.54 4.34 -13.09
CA GLN B 283 -22.36 5.06 -13.49
C GLN B 283 -21.86 5.90 -12.32
N ASP B 284 -20.56 6.02 -12.12
CA ASP B 284 -20.10 6.87 -10.98
C ASP B 284 -20.81 8.23 -10.92
N ASN B 285 -20.92 8.85 -12.10
CA ASN B 285 -21.43 10.19 -12.21
C ASN B 285 -22.96 10.32 -12.38
N GLY B 286 -23.71 9.25 -12.52
CA GLY B 286 -25.19 9.34 -12.58
C GLY B 286 -25.83 10.04 -11.39
N ASN B 287 -27.15 9.97 -11.31
CA ASN B 287 -27.82 10.57 -10.16
C ASN B 287 -27.92 9.66 -8.94
N TRP B 288 -28.09 10.24 -7.76
CA TRP B 288 -28.50 9.48 -6.61
C TRP B 288 -29.88 8.91 -6.83
N VAL B 289 -30.11 7.73 -6.31
CA VAL B 289 -31.32 6.98 -6.55
C VAL B 289 -32.38 7.11 -5.45
N SER B 290 -33.58 6.68 -5.78
CA SER B 290 -34.66 6.66 -4.86
C SER B 290 -34.34 5.73 -3.68
N GLN B 291 -35.07 5.88 -2.59
CA GLN B 291 -35.06 4.86 -1.58
C GLN B 291 -35.69 3.51 -2.03
N SER B 292 -36.58 3.50 -3.02
CA SER B 292 -37.01 2.21 -3.53
C SER B 292 -35.91 1.53 -4.30
N VAL B 293 -35.34 2.24 -5.27
CA VAL B 293 -34.24 1.67 -5.99
C VAL B 293 -33.12 1.14 -5.06
N MSE B 294 -32.86 1.82 -3.95
CA MSE B 294 -31.79 1.36 -3.08
C MSE B 294 -32.26 0.19 -2.25
O MSE B 294 -31.58 -0.82 -2.22
CB MSE B 294 -31.19 2.46 -2.22
CG MSE B 294 -29.79 2.15 -1.81
SE MSE B 294 -28.72 2.25 -3.38
CE MSE B 294 -27.04 1.43 -2.96
N ASP B 295 -33.42 0.28 -1.62
CA ASP B 295 -33.92 -0.95 -1.06
C ASP B 295 -33.68 -2.17 -1.99
N GLN B 296 -33.98 -2.00 -3.28
CA GLN B 296 -33.89 -3.13 -4.18
C GLN B 296 -32.46 -3.48 -4.34
N ARG B 297 -31.61 -2.52 -4.67
CA ARG B 297 -30.22 -2.92 -4.90
C ARG B 297 -29.64 -3.56 -3.65
N LEU B 298 -30.21 -3.21 -2.48
CA LEU B 298 -29.64 -3.65 -1.24
C LEU B 298 -30.11 -5.07 -1.02
N GLU B 299 -31.40 -5.37 -0.92
CA GLU B 299 -31.85 -6.81 -0.94
C GLU B 299 -31.02 -7.66 -1.99
N SER B 300 -31.11 -7.33 -3.28
CA SER B 300 -30.32 -8.05 -4.26
C SER B 300 -28.91 -8.33 -3.79
N TYR B 301 -28.17 -7.32 -3.40
CA TYR B 301 -26.73 -7.56 -3.14
C TYR B 301 -26.51 -8.50 -1.97
N ILE B 302 -27.34 -8.40 -0.95
CA ILE B 302 -27.25 -9.29 0.17
C ILE B 302 -27.58 -10.68 -0.29
N LYS B 303 -28.73 -10.84 -0.91
CA LYS B 303 -29.17 -12.12 -1.45
C LYS B 303 -28.07 -12.78 -2.29
N ASN B 304 -27.52 -12.08 -3.27
CA ASN B 304 -26.58 -12.75 -4.13
C ASN B 304 -25.28 -13.06 -3.47
N MSE B 305 -24.98 -12.37 -2.39
CA MSE B 305 -23.78 -12.67 -1.66
C MSE B 305 -24.02 -13.99 -0.93
O MSE B 305 -23.27 -14.91 -1.10
CB MSE B 305 -23.41 -11.49 -0.75
CG MSE B 305 -22.74 -10.38 -1.52
SE MSE B 305 -21.00 -11.04 -1.91
CE MSE B 305 -20.29 -9.90 -3.22
N PHE B 306 -25.08 -14.10 -0.16
CA PHE B 306 -25.32 -15.35 0.52
C PHE B 306 -25.46 -16.51 -0.48
N ALA B 307 -26.37 -16.40 -1.45
CA ALA B 307 -26.48 -17.35 -2.58
C ALA B 307 -25.13 -17.76 -3.23
N GLU B 308 -24.31 -16.83 -3.63
CA GLU B 308 -23.05 -17.27 -4.24
C GLU B 308 -22.14 -18.04 -3.31
N ILE B 309 -22.24 -17.77 -2.01
CA ILE B 309 -21.41 -18.46 -1.06
C ILE B 309 -21.90 -19.91 -0.91
N GLN B 310 -23.20 -20.12 -0.70
CA GLN B 310 -23.85 -21.43 -0.73
C GLN B 310 -23.54 -22.22 -2.03
N ARG B 311 -23.78 -21.59 -3.18
CA ARG B 311 -23.42 -22.16 -4.45
C ARG B 311 -21.96 -22.60 -4.57
N GLN B 312 -21.01 -21.83 -4.09
CA GLN B 312 -19.62 -22.11 -4.46
C GLN B 312 -18.83 -22.74 -3.39
N TYR B 313 -19.11 -22.44 -2.14
CA TYR B 313 -18.37 -23.06 -1.08
C TYR B 313 -19.36 -23.49 -0.04
N PRO B 314 -20.25 -24.44 -0.41
CA PRO B 314 -21.32 -24.84 0.52
C PRO B 314 -20.77 -25.47 1.77
N SER B 315 -19.50 -25.94 1.72
CA SER B 315 -18.94 -26.62 2.92
C SER B 315 -18.31 -25.67 3.94
N LEU B 316 -18.27 -24.38 3.59
CA LEU B 316 -17.58 -23.37 4.38
C LEU B 316 -18.50 -23.06 5.50
N ASN B 317 -17.89 -23.00 6.71
CA ASN B 317 -18.55 -22.52 7.92
C ASN B 317 -18.45 -20.98 8.10
N LEU B 318 -19.43 -20.32 7.46
CA LEU B 318 -19.68 -18.92 7.59
C LEU B 318 -20.44 -18.68 8.91
N TYR B 319 -19.71 -18.43 10.01
CA TYR B 319 -20.39 -18.39 11.29
C TYR B 319 -20.85 -17.02 11.74
N ALA B 320 -20.44 -16.00 10.99
CA ALA B 320 -20.84 -14.59 11.31
C ALA B 320 -20.67 -13.65 10.13
N TYR B 321 -21.53 -12.63 10.06
CA TYR B 321 -21.30 -11.57 9.07
C TYR B 321 -21.36 -10.15 9.69
N ASP B 322 -20.40 -9.28 9.33
CA ASP B 322 -20.54 -7.86 9.66
C ASP B 322 -21.60 -7.27 8.74
N VAL B 323 -22.82 -7.29 9.20
CA VAL B 323 -23.93 -6.93 8.30
C VAL B 323 -23.79 -5.45 7.99
N VAL B 324 -23.59 -4.65 9.03
CA VAL B 324 -23.28 -3.24 8.83
C VAL B 324 -21.97 -2.78 9.51
N ASN B 325 -21.27 -1.85 8.87
CA ASN B 325 -19.98 -1.42 9.35
C ASN B 325 -19.79 0.04 9.72
N ALA B 326 -19.24 0.32 10.90
CA ALA B 326 -18.82 1.66 11.28
C ALA B 326 -19.83 2.76 10.86
N ALA B 327 -21.09 2.65 11.19
CA ALA B 327 -22.03 3.63 10.68
C ALA B 327 -22.45 4.62 11.75
N VAL B 328 -21.73 4.65 12.87
CA VAL B 328 -22.03 5.67 13.90
C VAL B 328 -20.87 6.64 13.88
N SER B 329 -21.22 7.93 13.87
CA SER B 329 -20.23 8.98 13.71
C SER B 329 -19.33 9.12 14.92
N ASP B 330 -18.04 9.32 14.68
CA ASP B 330 -17.18 9.74 15.75
C ASP B 330 -17.56 11.13 16.40
N ASP B 331 -18.23 11.99 15.64
CA ASP B 331 -18.50 13.32 16.08
C ASP B 331 -19.78 13.40 16.98
N ALA B 332 -19.58 13.95 18.17
CA ALA B 332 -20.57 14.07 19.20
C ALA B 332 -21.75 14.89 18.79
N ASN B 333 -21.58 15.83 17.88
CA ASN B 333 -22.75 16.58 17.48
C ASN B 333 -23.66 15.66 16.72
N ARG B 334 -23.05 14.83 15.89
CA ARG B 334 -23.77 13.89 15.06
C ARG B 334 -24.53 12.91 15.97
N THR B 335 -23.79 12.49 16.97
CA THR B 335 -24.26 11.48 17.87
C THR B 335 -25.38 11.98 18.77
N ARG B 336 -25.34 13.28 19.10
CA ARG B 336 -26.28 13.93 20.00
C ARG B 336 -27.47 14.51 19.25
N TYR B 337 -27.29 15.03 18.03
CA TYR B 337 -28.40 15.72 17.35
C TYR B 337 -28.96 14.98 16.10
N TYR B 338 -28.15 14.06 15.57
CA TYR B 338 -28.46 13.41 14.32
C TYR B 338 -28.56 11.89 14.43
N GLY B 339 -28.70 11.41 15.65
CA GLY B 339 -28.93 10.00 15.87
C GLY B 339 -27.72 9.13 15.55
N GLY B 340 -26.54 9.72 15.41
CA GLY B 340 -25.39 8.89 15.20
C GLY B 340 -25.05 8.82 13.75
N ALA B 341 -26.02 9.21 12.92
CA ALA B 341 -25.84 9.24 11.45
C ALA B 341 -24.59 10.00 11.02
N ARG B 342 -23.74 9.38 10.21
CA ARG B 342 -22.65 10.09 9.53
C ARG B 342 -23.16 11.23 8.64
N GLU B 343 -22.28 12.12 8.21
CA GLU B 343 -22.72 13.19 7.30
C GLU B 343 -22.88 12.58 5.91
N PRO B 344 -23.99 12.94 5.18
CA PRO B 344 -24.36 12.51 3.80
C PRO B 344 -23.24 12.75 2.86
N GLY B 345 -23.17 11.94 1.80
CA GLY B 345 -22.16 12.16 0.75
C GLY B 345 -21.29 10.96 0.48
N TYR B 346 -20.21 11.15 -0.25
CA TYR B 346 -19.44 10.05 -0.69
C TYR B 346 -17.99 10.38 -0.48
N GLY B 347 -17.26 9.68 0.38
CA GLY B 347 -15.80 9.85 0.44
C GLY B 347 -15.39 10.57 1.72
N ASN B 348 -14.12 10.40 2.15
CA ASN B 348 -13.69 11.03 3.44
C ASN B 348 -14.76 11.04 4.61
N GLY B 349 -15.27 9.90 5.02
CA GLY B 349 -16.06 9.85 6.23
C GLY B 349 -17.51 10.10 5.96
N ARG B 350 -17.82 10.51 4.75
CA ARG B 350 -19.20 10.76 4.46
C ARG B 350 -19.89 9.48 3.94
N SER B 351 -21.18 9.36 4.17
CA SER B 351 -21.86 8.14 3.81
C SER B 351 -22.93 8.20 2.75
N PRO B 352 -22.75 7.41 1.68
CA PRO B 352 -23.74 7.34 0.62
C PRO B 352 -25.01 6.74 1.13
N TRP B 353 -24.89 5.85 2.12
CA TRP B 353 -26.09 5.35 2.78
C TRP B 353 -26.97 6.47 3.33
N VAL B 354 -26.34 7.42 4.02
CA VAL B 354 -27.11 8.47 4.67
C VAL B 354 -27.59 9.40 3.60
N GLN B 355 -26.69 9.66 2.65
CA GLN B 355 -27.03 10.46 1.50
C GLN B 355 -28.36 10.06 0.85
N ILE B 356 -28.70 8.77 0.78
CA ILE B 356 -29.90 8.32 0.07
C ILE B 356 -31.04 8.23 1.02
N TYR B 357 -30.73 7.83 2.25
CA TYR B 357 -31.75 7.43 3.20
C TYR B 357 -32.17 8.50 4.23
N GLY B 358 -31.38 9.59 4.32
CA GLY B 358 -31.62 10.63 5.32
C GLY B 358 -30.93 10.48 6.68
N ASP B 359 -31.02 9.30 7.29
CA ASP B 359 -30.44 9.06 8.59
C ASP B 359 -29.96 7.60 8.58
N ASN B 360 -30.07 6.88 9.69
CA ASN B 360 -29.63 5.50 9.75
C ASN B 360 -30.76 4.48 9.62
N LYS B 361 -31.89 4.87 9.00
CA LYS B 361 -33.05 3.95 8.81
C LYS B 361 -32.61 2.68 8.07
N PHE B 362 -31.63 2.83 7.18
CA PHE B 362 -31.06 1.68 6.50
C PHE B 362 -30.44 0.55 7.37
N ILE B 363 -30.19 0.77 8.65
CA ILE B 363 -29.58 -0.30 9.41
C ILE B 363 -30.60 -1.40 9.59
N GLU B 364 -31.74 -1.12 10.20
CA GLU B 364 -32.76 -2.14 10.30
C GLU B 364 -33.01 -2.83 8.96
N LYS B 365 -32.98 -2.10 7.87
CA LYS B 365 -33.25 -2.65 6.58
C LYS B 365 -32.16 -3.65 6.21
N ALA B 366 -30.90 -3.24 6.19
CA ALA B 366 -29.83 -4.21 5.95
C ALA B 366 -29.93 -5.45 6.86
N PHE B 367 -30.30 -5.30 8.13
CA PHE B 367 -30.35 -6.50 8.98
C PHE B 367 -31.56 -7.39 8.62
N THR B 368 -32.74 -6.80 8.37
CA THR B 368 -33.85 -7.58 7.90
C THR B 368 -33.47 -8.43 6.67
N TYR B 369 -32.86 -7.84 5.66
CA TYR B 369 -32.52 -8.62 4.49
C TYR B 369 -31.60 -9.76 4.81
N ALA B 370 -30.62 -9.55 5.69
CA ALA B 370 -29.65 -10.58 5.94
C ALA B 370 -30.31 -11.70 6.74
N ARG B 371 -31.22 -11.34 7.62
CA ARG B 371 -31.87 -12.34 8.42
C ARG B 371 -32.78 -13.15 7.49
N LYS B 372 -33.03 -12.67 6.29
CA LYS B 372 -33.87 -13.45 5.37
C LYS B 372 -33.02 -14.40 4.56
N TYR B 373 -31.77 -14.08 4.25
CA TYR B 373 -30.99 -14.95 3.39
C TYR B 373 -29.73 -15.59 3.97
N ALA B 374 -29.46 -15.46 5.26
CA ALA B 374 -28.20 -16.06 5.73
C ALA B 374 -28.48 -17.45 6.28
N PRO B 375 -27.48 -18.31 6.26
CA PRO B 375 -27.49 -19.56 6.93
C PRO B 375 -27.91 -19.32 8.35
N ALA B 376 -28.96 -19.99 8.80
CA ALA B 376 -29.39 -19.89 10.20
C ALA B 376 -28.18 -19.90 11.18
N ASN B 377 -27.15 -20.68 10.88
CA ASN B 377 -26.02 -20.76 11.77
C ASN B 377 -25.08 -19.51 11.65
N CYS B 378 -25.36 -18.60 10.71
CA CYS B 378 -24.46 -17.45 10.49
C CYS B 378 -24.99 -16.28 11.32
N LYS B 379 -24.19 -15.90 12.31
CA LYS B 379 -24.60 -14.94 13.31
C LYS B 379 -24.34 -13.54 12.81
N LEU B 380 -25.37 -12.69 12.87
CA LEU B 380 -25.31 -11.31 12.32
C LEU B 380 -24.74 -10.28 13.26
N TYR B 381 -23.78 -9.49 12.79
CA TYR B 381 -23.10 -8.50 13.65
C TYR B 381 -23.21 -7.02 13.27
N TYR B 382 -23.41 -6.14 14.26
CA TYR B 382 -23.01 -4.73 14.10
C TYR B 382 -21.50 -4.51 14.52
N ASN B 383 -20.75 -3.87 13.64
CA ASN B 383 -19.35 -3.77 13.83
C ASN B 383 -18.82 -2.33 13.85
N ASP B 384 -18.04 -1.96 14.88
CA ASP B 384 -17.60 -0.56 14.97
C ASP B 384 -16.30 -0.33 15.72
N TYR B 385 -15.71 0.85 15.57
CA TYR B 385 -14.42 1.19 16.24
C TYR B 385 -14.58 2.41 17.16
N ASN B 386 -13.61 2.64 18.04
CA ASN B 386 -13.78 3.66 19.11
C ASN B 386 -15.07 3.31 19.93
N GLU B 387 -15.31 2.01 20.09
CA GLU B 387 -16.60 1.47 20.51
C GLU B 387 -16.70 1.59 22.03
N TYR B 388 -15.57 1.88 22.66
CA TYR B 388 -15.41 2.17 24.07
C TYR B 388 -15.30 3.69 24.38
N TRP B 389 -15.61 4.54 23.42
CA TRP B 389 -15.60 5.95 23.62
C TRP B 389 -17.00 6.39 23.93
N ASP B 390 -17.18 6.87 25.17
CA ASP B 390 -18.51 7.11 25.78
C ASP B 390 -19.63 7.53 24.83
N HIS B 391 -19.54 8.69 24.21
CA HIS B 391 -20.69 9.18 23.44
C HIS B 391 -20.93 8.25 22.27
N LYS B 392 -19.88 7.63 21.73
CA LYS B 392 -20.06 6.78 20.57
C LYS B 392 -20.62 5.42 21.05
N ARG B 393 -19.93 4.84 22.04
CA ARG B 393 -20.42 3.65 22.70
C ARG B 393 -21.93 3.74 23.06
N ASP B 394 -22.39 4.83 23.65
CA ASP B 394 -23.81 4.80 24.01
C ASP B 394 -24.72 4.72 22.80
N CYS B 395 -24.29 5.29 21.70
CA CYS B 395 -25.11 5.27 20.51
C CYS B 395 -25.17 3.85 19.90
N ILE B 396 -24.02 3.19 19.86
CA ILE B 396 -23.93 1.90 19.26
C ILE B 396 -24.74 0.98 20.15
N ALA B 397 -24.51 1.08 21.46
CA ALA B 397 -25.22 0.14 22.39
C ALA B 397 -26.69 0.26 22.15
N SER B 398 -27.12 1.47 21.84
CA SER B 398 -28.54 1.74 21.84
C SER B 398 -29.19 1.25 20.55
N ILE B 399 -28.59 1.59 19.41
CA ILE B 399 -28.89 0.98 18.13
C ILE B 399 -28.97 -0.53 18.20
N CYS B 400 -27.96 -1.18 18.78
CA CYS B 400 -27.94 -2.64 18.81
C CYS B 400 -29.02 -3.29 19.67
N ALA B 401 -29.29 -2.74 20.84
CA ALA B 401 -30.33 -3.27 21.67
C ALA B 401 -31.63 -3.26 20.90
N ASN B 402 -31.95 -2.15 20.25
CA ASN B 402 -33.15 -2.03 19.45
C ASN B 402 -33.19 -3.24 18.54
N LEU B 403 -32.22 -3.32 17.61
CA LEU B 403 -32.11 -4.43 16.67
C LEU B 403 -32.21 -5.83 17.29
N TYR B 404 -31.73 -5.98 18.52
CA TYR B 404 -31.59 -7.31 19.04
C TYR B 404 -32.90 -7.76 19.63
N ASN B 405 -33.49 -6.91 20.44
CA ASN B 405 -34.85 -7.13 20.84
C ASN B 405 -35.79 -7.23 19.65
N LYS B 406 -35.32 -7.03 18.43
CA LYS B 406 -36.21 -7.20 17.29
C LYS B 406 -35.96 -8.51 16.61
N GLY B 407 -35.21 -9.40 17.26
CA GLY B 407 -34.82 -10.62 16.59
C GLY B 407 -33.87 -10.54 15.41
N LEU B 408 -33.37 -9.35 15.06
CA LEU B 408 -32.48 -9.19 13.87
C LEU B 408 -30.97 -9.19 14.08
N LEU B 409 -30.47 -8.97 15.29
CA LEU B 409 -29.02 -8.90 15.46
C LEU B 409 -28.52 -9.92 16.46
N ASP B 410 -27.42 -10.61 16.22
CA ASP B 410 -27.02 -11.57 17.28
C ASP B 410 -25.80 -11.10 18.10
N GLY B 411 -25.09 -10.10 17.60
CA GLY B 411 -23.94 -9.64 18.37
C GLY B 411 -23.41 -8.28 17.97
N VAL B 412 -22.60 -7.71 18.88
CA VAL B 412 -21.89 -6.46 18.65
C VAL B 412 -20.44 -6.75 18.42
N GLY B 413 -19.90 -6.19 17.34
CA GLY B 413 -18.47 -6.38 16.96
C GLY B 413 -17.63 -5.23 17.48
N MSE B 414 -16.65 -5.54 18.32
CA MSE B 414 -15.83 -4.50 18.86
C MSE B 414 -14.57 -4.56 18.09
O MSE B 414 -13.71 -5.36 18.40
CB MSE B 414 -15.53 -4.71 20.32
CG MSE B 414 -16.78 -4.71 21.23
SE MSE B 414 -16.32 -4.91 23.14
CE MSE B 414 -14.98 -3.52 23.30
N GLN B 415 -14.44 -3.70 17.08
CA GLN B 415 -13.22 -3.71 16.25
C GLN B 415 -11.88 -3.71 17.02
N SER B 416 -11.78 -2.90 18.09
CA SER B 416 -10.63 -2.92 19.01
C SER B 416 -9.33 -2.50 18.37
N HIS B 417 -9.38 -1.43 17.60
CA HIS B 417 -8.15 -0.87 17.12
C HIS B 417 -7.64 0.04 18.23
N ILE B 418 -6.93 -0.53 19.17
CA ILE B 418 -6.51 0.23 20.30
C ILE B 418 -4.99 0.46 20.32
N ASN B 419 -4.46 1.08 21.37
CA ASN B 419 -3.02 1.12 21.59
C ASN B 419 -2.53 0.44 22.86
N ALA B 420 -1.23 0.50 23.08
CA ALA B 420 -0.63 -0.30 24.14
C ALA B 420 -0.67 0.34 25.52
N ASP B 421 -1.30 1.50 25.65
CA ASP B 421 -1.51 2.12 26.98
C ASP B 421 -2.51 1.37 27.85
N MSE B 422 -2.10 1.08 29.08
CA MSE B 422 -3.00 0.48 30.01
C MSE B 422 -4.15 1.41 30.44
O MSE B 422 -5.19 0.96 30.91
CB MSE B 422 -2.23 -0.10 31.18
CG MSE B 422 -3.11 -1.12 31.92
SE MSE B 422 -3.62 -2.79 30.95
CE MSE B 422 -1.68 -3.08 30.41
N ASN B 423 -3.95 2.72 30.24
CA ASN B 423 -4.96 3.75 30.61
C ASN B 423 -5.31 4.61 29.44
N GLY B 424 -6.26 5.50 29.63
CA GLY B 424 -6.54 6.53 28.65
C GLY B 424 -7.67 6.12 27.76
N PHE B 425 -7.62 6.59 26.52
CA PHE B 425 -8.77 6.56 25.67
C PHE B 425 -9.22 5.14 25.41
N SER B 426 -8.24 4.22 25.32
CA SER B 426 -8.53 2.86 24.95
C SER B 426 -7.88 2.03 26.01
N GLY B 427 -7.88 2.61 27.21
CA GLY B 427 -7.31 1.95 28.36
C GLY B 427 -8.28 0.88 28.77
N ILE B 428 -7.72 -0.03 29.57
CA ILE B 428 -8.40 -1.23 30.00
C ILE B 428 -9.73 -0.94 30.71
N GLN B 429 -9.84 0.21 31.36
CA GLN B 429 -11.05 0.53 32.07
C GLN B 429 -12.19 0.86 31.14
N ASN B 430 -11.91 1.84 30.28
CA ASN B 430 -12.79 2.25 29.19
C ASN B 430 -13.29 1.07 28.34
N TYR B 431 -12.33 0.19 28.03
CA TYR B 431 -12.57 -1.01 27.30
C TYR B 431 -13.49 -2.02 28.01
N LYS B 432 -13.13 -2.39 29.25
CA LYS B 432 -13.99 -3.25 30.01
C LYS B 432 -15.39 -2.61 30.18
N ALA B 433 -15.48 -1.30 30.33
CA ALA B 433 -16.77 -0.70 30.51
C ALA B 433 -17.68 -0.98 29.31
N ALA B 434 -17.12 -0.90 28.11
CA ALA B 434 -17.93 -1.02 26.87
C ALA B 434 -18.37 -2.47 26.64
N LEU B 435 -17.42 -3.38 26.91
CA LEU B 435 -17.64 -4.81 26.78
C LEU B 435 -18.82 -5.20 27.60
N GLN B 436 -18.77 -4.75 28.87
CA GLN B 436 -19.77 -5.02 29.89
C GLN B 436 -21.14 -4.49 29.42
N LYS B 437 -21.15 -3.29 28.87
CA LYS B 437 -22.36 -2.63 28.42
C LYS B 437 -22.97 -3.37 27.23
N TYR B 438 -22.11 -3.81 26.31
CA TYR B 438 -22.62 -4.51 25.16
C TYR B 438 -23.23 -5.85 25.55
N ILE B 439 -22.49 -6.64 26.35
CA ILE B 439 -23.02 -7.88 26.87
C ILE B 439 -24.36 -7.65 27.62
N ASN B 440 -24.41 -6.66 28.51
CA ASN B 440 -25.66 -6.49 29.21
C ASN B 440 -26.89 -6.39 28.33
N ILE B 441 -26.72 -6.20 27.04
CA ILE B 441 -27.86 -6.05 26.14
C ILE B 441 -28.61 -7.39 26.06
N GLY B 442 -27.87 -8.48 26.24
CA GLY B 442 -28.39 -9.81 26.00
C GLY B 442 -27.63 -10.47 24.87
N CYS B 443 -27.38 -9.72 23.82
CA CYS B 443 -26.67 -10.24 22.65
C CYS B 443 -25.20 -10.65 22.96
N ASP B 444 -24.49 -11.10 21.94
CA ASP B 444 -23.15 -11.57 22.15
C ASP B 444 -22.14 -10.49 21.77
N VAL B 445 -20.84 -10.77 21.90
CA VAL B 445 -19.86 -9.83 21.45
C VAL B 445 -18.82 -10.61 20.70
N GLN B 446 -18.41 -10.17 19.52
CA GLN B 446 -17.09 -10.60 19.01
C GLN B 446 -16.07 -9.47 18.99
N ILE B 447 -14.83 -9.78 19.38
CA ILE B 447 -13.73 -8.83 19.26
C ILE B 447 -13.14 -9.12 17.91
N THR B 448 -13.53 -8.28 16.97
CA THR B 448 -13.35 -8.57 15.58
C THR B 448 -12.05 -8.13 14.91
N GLU B 449 -11.35 -7.07 15.32
CA GLU B 449 -10.16 -6.60 14.55
C GLU B 449 -9.08 -6.06 15.45
N LEU B 450 -8.74 -6.84 16.45
CA LEU B 450 -7.88 -6.32 17.49
C LEU B 450 -6.49 -6.05 16.94
N ASP B 451 -5.95 -4.85 17.07
CA ASP B 451 -4.50 -4.70 16.98
C ASP B 451 -4.11 -3.73 18.07
N ILE B 452 -2.83 -3.72 18.45
CA ILE B 452 -2.43 -2.89 19.57
C ILE B 452 -1.20 -2.04 19.27
N SER B 453 -1.42 -0.79 18.87
CA SER B 453 -0.35 0.02 18.25
C SER B 453 0.78 0.43 19.23
N THR B 454 2.04 0.16 18.89
CA THR B 454 3.10 0.55 19.82
C THR B 454 3.33 2.01 19.62
N GLU B 455 2.56 2.57 18.68
CA GLU B 455 2.57 4.00 18.40
C GLU B 455 3.97 4.55 17.99
N ASN B 456 4.48 4.02 16.90
CA ASN B 456 5.83 4.33 16.47
C ASN B 456 6.93 4.26 17.53
N GLY B 457 6.86 3.27 18.42
CA GLY B 457 7.95 3.08 19.37
C GLY B 457 7.74 3.81 20.69
N LYS B 458 6.60 4.48 20.84
CA LYS B 458 6.26 5.09 22.09
C LYS B 458 6.12 4.03 23.20
N PHE B 459 5.58 2.85 22.91
CA PHE B 459 5.30 1.88 23.92
C PHE B 459 6.20 0.72 23.70
N SER B 460 6.55 -0.02 24.76
CA SER B 460 7.49 -1.14 24.57
C SER B 460 6.70 -2.36 24.19
N LEU B 461 7.40 -3.36 23.67
CA LEU B 461 6.74 -4.62 23.50
C LEU B 461 6.13 -5.20 24.84
N GLN B 462 6.76 -4.94 25.97
CA GLN B 462 6.18 -5.43 27.22
C GLN B 462 4.88 -4.74 27.54
N GLN B 463 4.73 -3.50 27.14
CA GLN B 463 3.50 -2.83 27.50
C GLN B 463 2.40 -3.39 26.65
N GLN B 464 2.74 -3.70 25.41
CA GLN B 464 1.82 -4.33 24.48
C GLN B 464 1.44 -5.70 24.97
N ALA B 465 2.43 -6.48 25.39
CA ALA B 465 2.14 -7.76 26.01
C ALA B 465 1.02 -7.65 27.09
N ASP B 466 1.17 -6.66 27.97
CA ASP B 466 0.28 -6.46 29.05
C ASP B 466 -1.14 -6.13 28.54
N LYS B 467 -1.22 -5.31 27.51
CA LYS B 467 -2.47 -4.86 27.05
C LYS B 467 -3.16 -6.05 26.38
N TYR B 468 -2.42 -6.89 25.64
CA TYR B 468 -3.06 -8.10 25.07
C TYR B 468 -3.62 -9.04 26.18
N LYS B 469 -2.79 -9.26 27.21
CA LYS B 469 -3.17 -10.13 28.30
C LYS B 469 -4.42 -9.59 28.94
N ALA B 470 -4.51 -8.27 29.11
CA ALA B 470 -5.76 -7.70 29.64
C ALA B 470 -6.96 -7.89 28.77
N VAL B 471 -6.77 -7.82 27.46
CA VAL B 471 -7.96 -7.77 26.63
C VAL B 471 -8.52 -9.14 26.59
N PHE B 472 -7.65 -10.14 26.40
CA PHE B 472 -8.10 -11.55 26.47
C PHE B 472 -8.70 -11.86 27.83
N GLN B 473 -7.98 -11.46 28.89
CA GLN B 473 -8.43 -11.75 30.26
C GLN B 473 -9.84 -11.26 30.41
N ALA B 474 -10.11 -10.11 29.83
CA ALA B 474 -11.41 -9.50 29.95
C ALA B 474 -12.50 -10.33 29.27
N ALA B 475 -12.23 -10.89 28.11
CA ALA B 475 -13.25 -11.66 27.45
C ALA B 475 -13.46 -12.99 28.22
N VAL B 476 -12.35 -13.60 28.65
CA VAL B 476 -12.44 -14.77 29.49
C VAL B 476 -13.33 -14.53 30.72
N ASP B 477 -13.05 -13.46 31.47
CA ASP B 477 -13.84 -13.18 32.68
C ASP B 477 -15.30 -13.10 32.38
N ILE B 478 -15.70 -12.45 31.31
CA ILE B 478 -17.10 -12.31 30.98
C ILE B 478 -17.68 -13.70 30.79
N ASN B 479 -16.92 -14.55 30.12
CA ASN B 479 -17.48 -15.81 29.78
C ASN B 479 -17.65 -16.66 31.07
N ARG B 480 -16.72 -16.48 32.01
CA ARG B 480 -16.82 -17.15 33.31
C ARG B 480 -18.02 -16.70 34.16
N THR B 481 -18.53 -15.50 33.92
CA THR B 481 -19.67 -14.99 34.63
C THR B 481 -20.95 -15.50 33.97
N SER B 482 -21.96 -14.63 34.02
CA SER B 482 -23.08 -14.64 33.06
C SER B 482 -22.77 -13.82 31.77
N SER B 483 -23.34 -14.24 30.65
CA SER B 483 -24.00 -15.56 30.53
C SER B 483 -25.54 -15.46 30.50
N LYS B 484 -25.93 -14.42 29.86
CA LYS B 484 -26.72 -14.72 28.72
C LYS B 484 -25.75 -14.47 27.57
N GLY B 485 -25.35 -13.23 27.44
CA GLY B 485 -24.33 -12.88 26.47
C GLY B 485 -22.92 -13.35 26.81
N LYS B 486 -22.12 -13.57 25.76
CA LYS B 486 -20.86 -14.28 25.82
C LYS B 486 -19.99 -13.75 24.72
N VAL B 487 -18.68 -13.68 24.97
CA VAL B 487 -17.77 -13.35 23.88
C VAL B 487 -17.49 -14.61 23.10
N THR B 488 -17.70 -14.66 21.77
CA THR B 488 -17.62 -15.95 21.03
C THR B 488 -16.49 -16.05 19.98
N ALA B 489 -15.88 -14.92 19.67
CA ALA B 489 -14.72 -14.90 18.83
C ALA B 489 -13.83 -13.71 19.28
N VAL B 490 -12.50 -13.89 19.24
CA VAL B 490 -11.55 -12.85 19.44
C VAL B 490 -10.55 -12.97 18.30
N CYS B 491 -10.50 -11.97 17.40
CA CYS B 491 -9.63 -12.04 16.24
C CYS B 491 -8.68 -10.86 16.13
N VAL B 492 -7.40 -11.14 15.86
CA VAL B 492 -6.50 -10.08 15.67
C VAL B 492 -6.42 -9.78 14.18
N TRP B 493 -6.24 -8.52 13.85
CA TRP B 493 -6.36 -8.07 12.46
C TRP B 493 -5.02 -8.16 11.78
N GLY B 494 -4.57 -9.41 11.56
CA GLY B 494 -3.35 -9.69 10.86
C GLY B 494 -2.65 -10.88 11.48
N PRO B 495 -1.76 -11.50 10.70
CA PRO B 495 -1.11 -12.67 11.26
C PRO B 495 0.26 -12.29 11.86
N ASN B 496 0.98 -11.34 11.27
CA ASN B 496 2.27 -10.92 11.80
C ASN B 496 2.58 -9.44 11.52
N ASP B 497 3.63 -8.96 12.19
CA ASP B 497 3.93 -7.55 12.22
C ASP B 497 4.28 -7.07 10.85
N ALA B 498 4.51 -7.99 9.92
CA ALA B 498 4.91 -7.52 8.63
C ALA B 498 3.70 -7.40 7.76
N ASN B 499 2.50 -7.58 8.32
CA ASN B 499 1.26 -7.53 7.52
C ASN B 499 0.07 -6.91 8.23
N THR B 500 0.22 -5.66 8.62
CA THR B 500 -0.73 -4.93 9.42
C THR B 500 -1.09 -3.65 8.66
N TRP B 501 -2.37 -3.30 8.58
CA TRP B 501 -2.68 -2.03 7.94
C TRP B 501 -2.14 -0.81 8.70
N LEU B 502 -1.56 -0.96 9.88
CA LEU B 502 -1.06 0.24 10.58
C LEU B 502 0.38 0.49 10.22
N GLY B 503 1.01 -0.40 9.48
CA GLY B 503 2.40 -0.16 9.19
C GLY B 503 3.23 -0.85 10.27
N SER B 504 4.35 -1.40 9.83
CA SER B 504 5.14 -2.30 10.65
C SER B 504 5.76 -1.60 11.80
N GLN B 505 5.87 -0.28 11.67
CA GLN B 505 6.59 0.52 12.62
C GLN B 505 5.77 0.63 13.95
N ASN B 506 4.54 0.13 13.89
CA ASN B 506 3.70 0.02 15.08
C ASN B 506 3.59 -1.40 15.67
N ALA B 507 4.40 -2.34 15.16
CA ALA B 507 4.58 -3.70 15.67
C ALA B 507 3.33 -4.22 16.36
N PRO B 508 2.17 -4.23 15.67
CA PRO B 508 0.93 -4.27 16.46
C PRO B 508 0.27 -5.62 16.76
N LEU B 509 0.77 -6.72 16.22
CA LEU B 509 0.12 -8.01 16.36
C LEU B 509 0.91 -9.06 17.23
N LEU B 510 0.59 -10.35 17.09
CA LEU B 510 1.03 -11.38 18.02
C LEU B 510 2.32 -12.03 17.59
N PHE B 511 2.69 -11.88 16.32
CA PHE B 511 3.91 -12.53 15.78
C PHE B 511 4.71 -11.53 15.01
N ASN B 512 6.01 -11.74 15.03
CA ASN B 512 6.90 -10.89 14.29
C ASN B 512 6.93 -11.25 12.78
N ALA B 513 7.73 -10.53 11.99
CA ALA B 513 7.86 -10.80 10.55
C ALA B 513 8.25 -12.24 10.20
N ASN B 514 8.78 -13.03 11.13
CA ASN B 514 9.10 -14.42 10.83
C ASN B 514 8.24 -15.34 11.59
N ASN B 515 6.98 -14.93 11.73
CA ASN B 515 6.05 -15.70 12.50
C ASN B 515 6.62 -16.29 13.77
N GLN B 516 7.54 -15.59 14.41
CA GLN B 516 7.93 -16.04 15.73
CA GLN B 516 7.96 -16.00 15.74
C GLN B 516 7.00 -15.37 16.75
N PRO B 517 6.67 -16.12 17.85
CA PRO B 517 5.77 -15.52 18.86
C PRO B 517 6.47 -14.34 19.57
N LYS B 518 5.72 -13.28 19.87
CA LYS B 518 6.26 -12.14 20.57
C LYS B 518 5.87 -12.21 22.04
N PRO B 519 6.45 -11.32 22.89
CA PRO B 519 5.93 -11.18 24.23
C PRO B 519 4.41 -11.20 24.28
N ALA B 520 3.73 -10.40 23.48
CA ALA B 520 2.25 -10.47 23.52
C ALA B 520 1.68 -11.90 23.35
N TYR B 521 2.27 -12.72 22.48
CA TYR B 521 1.76 -14.05 22.34
C TYR B 521 1.94 -14.83 23.63
N ASN B 522 3.20 -14.98 24.06
CA ASN B 522 3.51 -15.52 25.37
C ASN B 522 2.56 -15.09 26.51
N ALA B 523 2.25 -13.78 26.59
CA ALA B 523 1.27 -13.33 27.56
C ALA B 523 -0.08 -14.01 27.32
N VAL B 524 -0.61 -13.89 26.11
CA VAL B 524 -1.99 -14.40 25.87
C VAL B 524 -2.02 -15.94 26.08
N ALA B 525 -0.81 -16.50 26.00
CA ALA B 525 -0.69 -17.94 26.06
C ALA B 525 -0.54 -18.41 27.52
N SER B 526 -0.45 -17.47 28.42
CA SER B 526 -0.40 -17.86 29.84
C SER B 526 -1.76 -17.78 30.55
N ILE B 527 -2.84 -17.39 29.86
CA ILE B 527 -4.09 -17.08 30.57
C ILE B 527 -4.86 -18.31 31.00
N ILE B 528 -5.15 -19.21 30.06
CA ILE B 528 -5.94 -20.41 30.34
C ILE B 528 -5.09 -21.62 30.69
N PRO B 529 -5.38 -22.21 31.88
CA PRO B 529 -4.62 -23.34 32.41
C PRO B 529 -4.99 -24.60 31.58
N GLN B 530 -4.03 -25.50 31.43
CA GLN B 530 -4.20 -26.52 30.43
C GLN B 530 -5.36 -27.52 30.60
N SER B 531 -5.78 -27.79 31.83
CA SER B 531 -6.98 -28.62 32.09
C SER B 531 -8.20 -28.10 31.35
N GLU B 532 -8.16 -26.83 30.92
CA GLU B 532 -9.33 -26.30 30.26
C GLU B 532 -9.20 -26.30 28.75
N TRP B 533 -8.02 -26.68 28.23
CA TRP B 533 -7.82 -26.65 26.79
C TRP B 533 -8.77 -27.62 26.15
N GLY B 534 -8.84 -27.61 24.81
CA GLY B 534 -9.77 -28.46 24.07
C GLY B 534 -9.46 -28.48 22.59
N ASP B 535 -10.41 -29.03 21.82
CA ASP B 535 -10.30 -29.12 20.36
C ASP B 535 -10.74 -27.83 19.65
N GLY B 536 -9.70 -27.08 19.28
CA GLY B 536 -9.82 -25.93 18.42
C GLY B 536 -10.59 -26.17 17.15
N ASN B 537 -10.49 -27.37 16.57
CA ASN B 537 -11.20 -27.63 15.34
C ASN B 537 -12.66 -27.91 15.53
N ASN B 538 -13.05 -28.13 16.80
CA ASN B 538 -14.44 -28.15 17.20
C ASN B 538 -14.75 -27.32 18.41
N PRO B 539 -14.51 -25.99 18.33
CA PRO B 539 -14.70 -25.18 19.52
C PRO B 539 -16.14 -25.25 19.91
N ALA B 540 -16.40 -25.40 21.20
CA ALA B 540 -17.76 -25.21 21.71
C ALA B 540 -18.17 -23.72 21.54
C1 XYP C . 8.41 3.58 4.31
C2 XYP C . 7.55 3.73 3.03
C3 XYP C . 6.52 4.84 3.16
C4 XYP C . 7.30 6.10 3.52
C5 XYP C . 8.01 5.83 4.81
O2 XYP C . 6.87 2.54 2.65
O3 XYP C . 5.83 4.98 1.90
O4 XYP C . 6.44 7.23 3.73
O5 XYP C . 8.99 4.83 4.62
C1 XYP C . 6.96 1.66 1.69
C2 XYP C . 6.62 0.23 2.12
C3 XYP C . 7.42 -0.82 1.33
C4 XYP C . 7.36 -0.55 -0.20
C5 XYP C . 7.70 0.94 -0.44
O2 XYP C . 6.88 0.17 3.52
O3 XYP C . 6.90 -2.09 1.71
O4 XYP C . 8.20 -1.36 -1.06
O5 XYP C . 6.79 1.81 0.28
O1 XYP D . -12.90 0.12 10.56
C1 XYP D . -12.05 -0.93 10.06
C2 XYP D . -12.77 -1.76 8.96
C3 XYP D . -11.78 -2.63 8.22
C4 XYP D . -10.58 -1.84 7.75
C5 XYP D . -9.88 -1.24 8.98
O2 XYP D . -13.86 -2.56 9.51
O3 XYP D . -12.41 -3.10 7.05
O4 XYP D . -9.62 -2.69 7.09
O5 XYP D . -10.78 -0.36 9.67
C1 XYP D . -8.54 -1.84 6.26
C2 XYP D . -7.57 -2.83 5.66
C3 XYP D . -6.66 -2.01 4.71
C4 XYP D . -7.50 -1.37 3.59
C5 XYP D . -8.57 -0.46 4.21
O2 XYP D . -6.86 -3.42 6.75
O3 XYP D . -5.42 -2.66 4.24
O4 XYP D . -6.69 -0.55 2.76
O5 XYP D . -9.29 -1.19 5.20
C1 XYP D . -7.52 -0.44 1.19
C2 XYP D . -6.88 0.97 1.17
C3 XYP D . -6.52 1.46 -0.24
C4 XYP D . -6.41 0.33 -1.30
C5 XYP D . -6.04 -1.06 -0.67
O2 XYP D . -7.74 1.97 1.72
O3 XYP D . -5.27 2.12 -0.12
O4 XYP D . -7.65 0.30 -2.07
O5 XYP D . -6.73 -1.46 0.54
O1 XYP E . 11.46 7.91 9.61
C1 XYP E . 10.61 8.22 8.51
C2 XYP E . 11.55 8.18 7.31
C3 XYP E . 10.78 8.27 6.00
C4 XYP E . 9.69 7.25 6.06
C5 XYP E . 8.78 7.46 7.26
O2 XYP E . 12.47 9.27 7.42
O3 XYP E . 11.62 7.80 4.98
O4 XYP E . 8.98 7.36 4.83
O5 XYP E . 9.57 7.26 8.42
CA CA F . 16.10 21.50 -20.65
CA CA G . 17.06 -7.32 -2.49
CA CA H . 18.64 20.31 -28.30
P PO4 I . -1.98 8.50 22.50
O1 PO4 I . -1.42 7.91 23.80
O2 PO4 I . -3.06 7.56 22.02
O3 PO4 I . -2.56 9.89 22.67
O4 PO4 I . -0.92 8.49 21.40
CA CA J . -15.23 -34.26 -10.54
P PO4 K . -14.11 -30.59 -3.17
O1 PO4 K . -14.70 -31.12 -1.88
O2 PO4 K . -14.14 -31.64 -4.27
O3 PO4 K . -15.05 -29.50 -3.61
O4 PO4 K . -12.68 -30.10 -2.94
#